data_3OB6
#
_entry.id   3OB6
#
_cell.length_a   86.071
_cell.length_b   77.204
_cell.length_c   104.451
_cell.angle_alpha   90.00
_cell.angle_beta   106.79
_cell.angle_gamma   90.00
#
_symmetry.space_group_name_H-M   'P 1 21 1'
#
loop_
_entity.id
_entity.type
_entity.pdbx_description
1 polymer 'AdiC arginine:agmatine antiporter'
2 non-polymer ARGININE
#
_entity_poly.entity_id   1
_entity_poly.type   'polypeptide(L)'
_entity_poly.pdbx_seq_one_letter_code
;MSSDADAHKVGLIPVTLMVSGNIMGSGVFLLPANLASTGGIAIYGWLVTIIGALGLSMVYAKMSFLDPSPGGSYAYARRC
FGPFLGYQTNVLYWLACWIGAIAMVVIGVGYLSYFFPILKDPLVLTITCVVVLWIFVLLNIVGPKMITRVQAVATVLALI
PIVGIAVFGWFWFRGETYMAAWNVSGLGTFGAIQSTLNVTLWSFIGVESASVAAGVVKNPKRNVPIATIGGVLIAAVCYV
LSTTAIMGMIPNAALRVSASPFGDAARMALGDTAGAIVSFCAAAGCLGSLGGWTLLAGQTAKAAADDGLFPPIFARVNKA
GTPVAGLIIVGILMTIFQLSSISPNATKEFGLVSSVSVIFTLVPYLYTCAALLLLGHGHFGKARPAYLAVTTIAFLYCIW
AVVGSGAKEVMWSFVTLMVITAMYALNYNRLHKNPYPLDAPISKD
;
_entity_poly.pdbx_strand_id   A,B
#
# COMPACT_ATOMS: atom_id res chain seq x y z
N ALA A 5 4.51 23.28 -32.66
CA ALA A 5 5.29 22.82 -33.85
C ALA A 5 6.81 22.81 -33.57
N ASP A 6 7.36 24.01 -33.36
CA ASP A 6 8.82 24.24 -33.20
C ASP A 6 9.50 23.23 -32.28
N ALA A 7 10.22 22.27 -32.85
CA ALA A 7 10.32 22.04 -34.33
C ALA A 7 10.39 20.53 -34.55
N HIS A 8 11.23 19.92 -33.71
CA HIS A 8 11.34 18.47 -33.51
C HIS A 8 10.46 18.00 -32.32
N LYS A 9 9.16 18.26 -32.45
CA LYS A 9 8.16 17.63 -31.62
C LYS A 9 7.61 16.48 -32.44
N VAL A 10 6.62 15.77 -31.92
CA VAL A 10 6.03 14.64 -32.66
C VAL A 10 4.57 14.90 -32.99
N GLY A 11 4.11 14.37 -34.10
CA GLY A 11 2.76 14.62 -34.57
C GLY A 11 1.77 13.58 -34.10
N LEU A 12 0.49 13.89 -34.29
CA LEU A 12 -0.64 13.00 -33.97
C LEU A 12 -0.35 11.50 -34.18
N ILE A 13 -0.05 11.10 -35.42
CA ILE A 13 0.02 9.68 -35.77
C ILE A 13 1.06 8.94 -34.96
N PRO A 14 2.36 9.34 -35.02
CA PRO A 14 3.38 8.74 -34.15
C PRO A 14 3.02 8.67 -32.68
N VAL A 15 2.45 9.74 -32.15
CA VAL A 15 2.02 9.77 -30.75
C VAL A 15 1.03 8.67 -30.46
N THR A 16 0.03 8.55 -31.32
CA THR A 16 -1.03 7.60 -31.06
C THR A 16 -0.51 6.17 -31.22
N LEU A 17 0.25 5.91 -32.26
CA LEU A 17 0.93 4.61 -32.40
C LEU A 17 1.88 4.28 -31.22
N MET A 18 2.46 5.29 -30.59
CA MET A 18 3.20 5.08 -29.37
C MET A 18 2.26 4.58 -28.28
N VAL A 19 1.06 5.16 -28.22
CA VAL A 19 0.07 4.69 -27.25
C VAL A 19 -0.25 3.20 -27.49
N SER A 20 -0.88 2.90 -28.63
CA SER A 20 -1.16 1.52 -29.04
C SER A 20 0.05 0.63 -28.91
N GLY A 21 1.19 1.09 -29.40
CA GLY A 21 2.44 0.34 -29.25
C GLY A 21 2.74 -0.15 -27.84
N ASN A 22 2.84 0.80 -26.90
CA ASN A 22 3.14 0.49 -25.50
C ASN A 22 2.07 -0.36 -24.82
N ILE A 23 0.82 -0.13 -25.21
CA ILE A 23 -0.31 -0.88 -24.64
C ILE A 23 -0.19 -2.36 -25.06
N MET A 24 -0.31 -2.60 -26.37
CA MET A 24 -0.44 -3.95 -26.89
C MET A 24 0.86 -4.68 -26.64
N GLY A 25 1.93 -4.08 -27.15
CA GLY A 25 3.28 -4.49 -26.80
C GLY A 25 3.49 -5.97 -26.81
N SER A 26 3.99 -6.48 -25.70
CA SER A 26 4.44 -7.89 -25.60
C SER A 26 3.29 -8.84 -25.36
N GLY A 27 2.18 -8.30 -24.87
CA GLY A 27 1.11 -9.10 -24.32
C GLY A 27 0.11 -9.51 -25.33
N VAL A 28 -0.13 -8.67 -26.35
CA VAL A 28 -1.19 -8.94 -27.31
C VAL A 28 -1.07 -10.32 -27.96
N PHE A 29 0.15 -10.85 -28.00
CA PHE A 29 0.43 -12.16 -28.58
C PHE A 29 0.17 -13.36 -27.64
N LEU A 30 0.11 -13.08 -26.34
CA LEU A 30 -0.06 -14.14 -25.34
C LEU A 30 -1.47 -14.22 -24.75
N LEU A 31 -2.31 -13.27 -25.11
CA LEU A 31 -3.65 -13.16 -24.56
C LEU A 31 -4.47 -14.42 -24.77
N PRO A 32 -4.66 -14.81 -26.03
CA PRO A 32 -5.55 -15.94 -26.28
C PRO A 32 -5.06 -17.28 -25.68
N ALA A 33 -3.78 -17.37 -25.34
CA ALA A 33 -3.27 -18.53 -24.59
C ALA A 33 -3.72 -18.54 -23.14
N ASN A 34 -3.90 -17.36 -22.55
CA ASN A 34 -4.23 -17.24 -21.13
C ASN A 34 -5.73 -17.18 -20.88
N LEU A 35 -6.46 -16.59 -21.83
CA LEU A 35 -7.90 -16.65 -21.80
C LEU A 35 -8.40 -18.06 -22.15
N ALA A 36 -7.57 -18.86 -22.82
CA ALA A 36 -7.96 -20.24 -23.17
C ALA A 36 -8.08 -21.14 -21.96
N SER A 37 -7.46 -20.69 -20.87
CA SER A 37 -7.56 -21.36 -19.57
C SER A 37 -8.96 -21.25 -18.96
N THR A 38 -9.78 -20.31 -19.45
CA THR A 38 -11.14 -20.10 -18.95
C THR A 38 -12.24 -20.24 -20.03
N GLY A 39 -11.95 -19.84 -21.27
CA GLY A 39 -12.88 -20.09 -22.38
C GLY A 39 -13.53 -18.89 -23.07
N GLY A 40 -14.52 -19.15 -23.92
CA GLY A 40 -15.18 -18.10 -24.70
C GLY A 40 -16.05 -17.14 -23.90
N ILE A 41 -16.24 -17.44 -22.63
CA ILE A 41 -16.83 -16.50 -21.69
C ILE A 41 -15.87 -15.33 -21.35
N ALA A 42 -14.61 -15.41 -21.80
CA ALA A 42 -13.72 -14.29 -21.61
C ALA A 42 -14.26 -13.08 -22.38
N ILE A 43 -15.14 -13.33 -23.33
CA ILE A 43 -15.84 -12.23 -24.04
C ILE A 43 -16.51 -11.25 -23.08
N TYR A 44 -17.23 -11.78 -22.08
CA TYR A 44 -17.85 -10.95 -21.03
C TYR A 44 -16.84 -10.13 -20.25
N GLY A 45 -15.76 -10.78 -19.82
CA GLY A 45 -14.63 -10.11 -19.19
C GLY A 45 -14.18 -8.92 -20.00
N TRP A 46 -14.01 -9.11 -21.31
CA TRP A 46 -13.62 -7.99 -22.19
C TRP A 46 -14.60 -6.83 -22.07
N LEU A 47 -15.89 -7.07 -22.31
CA LEU A 47 -16.88 -5.96 -22.22
C LEU A 47 -16.74 -5.15 -20.91
N VAL A 48 -16.50 -5.83 -19.80
CA VAL A 48 -16.16 -5.12 -18.55
C VAL A 48 -14.77 -4.44 -18.61
N THR A 49 -13.75 -5.12 -19.13
CA THR A 49 -12.40 -4.55 -19.17
C THR A 49 -12.30 -3.35 -20.11
N ILE A 50 -13.12 -3.35 -21.16
CA ILE A 50 -13.19 -2.22 -22.14
C ILE A 50 -13.78 -0.94 -21.56
N ILE A 51 -15.02 -1.00 -21.10
CA ILE A 51 -15.63 0.24 -20.60
C ILE A 51 -14.82 0.81 -19.43
N GLY A 52 -14.20 -0.07 -18.65
CA GLY A 52 -13.30 0.38 -17.61
C GLY A 52 -12.04 1.08 -18.10
N ALA A 53 -11.53 0.65 -19.25
CA ALA A 53 -10.34 1.25 -19.88
C ALA A 53 -10.69 2.52 -20.69
N LEU A 54 -11.91 2.57 -21.24
CA LEU A 54 -12.43 3.78 -21.88
C LEU A 54 -12.67 4.89 -20.88
N GLY A 55 -12.97 4.50 -19.65
CA GLY A 55 -13.08 5.45 -18.57
C GLY A 55 -11.73 6.12 -18.37
N LEU A 56 -10.74 5.33 -17.97
CA LEU A 56 -9.44 5.83 -17.63
C LEU A 56 -8.80 6.54 -18.84
N SER A 57 -9.12 6.13 -20.06
CA SER A 57 -8.74 6.94 -21.23
C SER A 57 -9.35 8.36 -21.16
N MET A 58 -10.68 8.43 -21.10
CA MET A 58 -11.34 9.70 -21.08
C MET A 58 -10.80 10.58 -19.98
N VAL A 59 -10.55 10.00 -18.82
CA VAL A 59 -10.00 10.79 -17.73
C VAL A 59 -8.72 11.46 -18.20
N TYR A 60 -7.73 10.64 -18.56
CA TYR A 60 -6.45 11.17 -19.04
C TYR A 60 -6.61 12.12 -20.24
N ALA A 61 -7.55 11.80 -21.12
CA ALA A 61 -7.90 12.67 -22.23
C ALA A 61 -8.31 14.07 -21.77
N LYS A 62 -9.30 14.17 -20.88
CA LYS A 62 -9.78 15.47 -20.41
C LYS A 62 -8.75 16.17 -19.54
N MET A 63 -8.08 15.42 -18.68
CA MET A 63 -7.04 16.00 -17.85
C MET A 63 -5.93 16.65 -18.66
N SER A 64 -5.43 15.96 -19.68
CA SER A 64 -4.34 16.48 -20.49
C SER A 64 -4.77 17.60 -21.41
N PHE A 65 -6.05 17.64 -21.73
CA PHE A 65 -6.66 18.75 -22.46
C PHE A 65 -6.60 19.96 -21.55
N LEU A 66 -7.10 19.80 -20.33
CA LEU A 66 -7.23 20.93 -19.41
C LEU A 66 -5.85 21.46 -19.04
N ASP A 67 -5.03 20.61 -18.48
CA ASP A 67 -3.64 20.94 -18.25
C ASP A 67 -2.84 20.00 -19.14
N PRO A 68 -2.18 20.52 -20.19
CA PRO A 68 -1.27 19.67 -20.92
C PRO A 68 0.15 19.83 -20.42
N SER A 69 0.36 19.65 -19.13
CA SER A 69 1.70 19.69 -18.57
C SER A 69 2.52 18.45 -19.01
N PRO A 70 3.85 18.62 -19.13
CA PRO A 70 4.76 17.52 -19.39
C PRO A 70 4.94 16.67 -18.13
N GLY A 71 4.82 15.36 -18.26
CA GLY A 71 4.91 14.44 -17.12
C GLY A 71 3.56 13.82 -16.75
N GLY A 72 2.50 14.30 -17.41
CA GLY A 72 1.15 13.79 -17.19
C GLY A 72 0.83 13.59 -15.72
N SER A 73 0.70 12.31 -15.35
CA SER A 73 0.27 11.88 -14.01
C SER A 73 0.95 12.70 -12.93
N TYR A 74 2.28 12.70 -12.98
CA TYR A 74 3.12 13.46 -12.03
C TYR A 74 2.69 14.91 -11.91
N ALA A 75 2.50 15.56 -13.05
CA ALA A 75 2.11 16.94 -13.10
C ALA A 75 0.83 17.12 -12.28
N TYR A 76 -0.20 16.37 -12.64
CA TYR A 76 -1.53 16.53 -12.05
C TYR A 76 -1.51 16.34 -10.54
N ALA A 77 -0.86 15.29 -10.10
CA ALA A 77 -0.69 15.02 -8.67
C ALA A 77 0.02 16.17 -7.93
N ARG A 78 0.91 16.88 -8.61
CA ARG A 78 1.56 18.00 -7.98
C ARG A 78 0.58 19.14 -7.77
N ARG A 79 -0.30 19.36 -8.74
CA ARG A 79 -1.27 20.46 -8.70
C ARG A 79 -2.25 20.20 -7.59
N CYS A 80 -2.65 18.96 -7.52
CA CYS A 80 -3.75 18.49 -6.71
C CYS A 80 -3.37 18.37 -5.23
N PHE A 81 -2.21 17.79 -5.00
CA PHE A 81 -1.79 17.33 -3.69
C PHE A 81 -0.42 17.84 -3.22
N GLY A 82 0.32 18.54 -4.08
CA GLY A 82 1.59 19.17 -3.69
C GLY A 82 2.81 18.33 -4.02
N PRO A 83 4.00 18.86 -3.69
CA PRO A 83 5.25 18.24 -4.10
C PRO A 83 5.44 16.82 -3.62
N PHE A 84 4.99 16.49 -2.42
CA PHE A 84 5.14 15.12 -1.94
C PHE A 84 4.42 14.07 -2.79
N LEU A 85 3.12 14.20 -3.00
CA LEU A 85 2.42 13.27 -3.90
C LEU A 85 2.88 13.39 -5.36
N GLY A 86 3.55 14.48 -5.69
CA GLY A 86 4.20 14.58 -6.99
C GLY A 86 5.40 13.69 -6.97
N TYR A 87 6.32 13.95 -6.05
CA TYR A 87 7.50 13.13 -5.88
C TYR A 87 7.17 11.65 -5.84
N GLN A 88 6.03 11.31 -5.26
CA GLN A 88 5.67 9.92 -5.09
C GLN A 88 5.34 9.31 -6.45
N THR A 89 4.56 10.02 -7.24
CA THR A 89 4.15 9.55 -8.56
C THR A 89 5.36 9.28 -9.47
N ASN A 90 6.27 10.25 -9.53
CA ASN A 90 7.42 10.16 -10.38
C ASN A 90 8.25 8.93 -10.03
N VAL A 91 8.75 8.86 -8.80
CA VAL A 91 9.64 7.78 -8.45
C VAL A 91 8.98 6.48 -8.91
N LEU A 92 7.74 6.27 -8.50
CA LEU A 92 7.03 5.06 -8.90
C LEU A 92 7.05 4.89 -10.42
N TYR A 93 6.43 5.83 -11.14
CA TYR A 93 6.21 5.62 -12.55
C TYR A 93 7.51 5.54 -13.33
N TRP A 94 8.51 6.27 -12.87
CA TRP A 94 9.87 6.20 -13.43
C TRP A 94 10.47 4.76 -13.31
N LEU A 95 10.26 4.12 -12.17
CA LEU A 95 10.63 2.72 -12.00
C LEU A 95 9.73 1.81 -12.86
N ALA A 96 8.43 2.07 -12.78
CA ALA A 96 7.47 1.35 -13.63
C ALA A 96 7.92 1.31 -15.08
N CYS A 97 8.44 2.45 -15.56
CA CYS A 97 8.93 2.58 -16.93
C CYS A 97 10.15 1.75 -17.22
N TRP A 98 11.26 1.99 -16.52
CA TRP A 98 12.51 1.34 -16.92
C TRP A 98 12.64 -0.10 -16.54
N ILE A 99 11.96 -0.53 -15.50
CA ILE A 99 11.80 -1.99 -15.25
C ILE A 99 10.97 -2.59 -16.40
N GLY A 100 9.91 -1.89 -16.77
CA GLY A 100 9.08 -2.30 -17.88
C GLY A 100 9.87 -2.41 -19.15
N ALA A 101 10.83 -1.51 -19.35
CA ALA A 101 11.69 -1.60 -20.52
C ALA A 101 12.53 -2.88 -20.48
N ILE A 102 13.03 -3.27 -19.31
CA ILE A 102 13.80 -4.50 -19.21
C ILE A 102 12.96 -5.67 -19.74
N ALA A 103 11.74 -5.80 -19.26
CA ALA A 103 10.86 -6.86 -19.76
C ALA A 103 10.78 -6.86 -21.32
N MET A 104 10.64 -5.70 -21.95
CA MET A 104 10.48 -5.66 -23.40
C MET A 104 11.64 -6.24 -24.17
N VAL A 105 12.86 -5.85 -23.78
CA VAL A 105 14.09 -6.28 -24.48
C VAL A 105 14.22 -7.79 -24.41
N VAL A 106 13.97 -8.34 -23.23
CA VAL A 106 13.98 -9.78 -23.02
C VAL A 106 13.00 -10.45 -23.98
N ILE A 107 11.72 -10.11 -23.83
CA ILE A 107 10.66 -10.73 -24.60
C ILE A 107 10.92 -10.55 -26.09
N GLY A 108 11.13 -9.29 -26.47
CA GLY A 108 11.41 -8.94 -27.85
C GLY A 108 12.49 -9.82 -28.43
N VAL A 109 13.70 -9.73 -27.84
CA VAL A 109 14.88 -10.51 -28.28
C VAL A 109 14.58 -11.99 -28.27
N GLY A 110 13.90 -12.46 -27.23
CA GLY A 110 13.45 -13.87 -27.16
C GLY A 110 12.61 -14.35 -28.34
N TYR A 111 11.87 -13.47 -29.01
CA TYR A 111 11.15 -13.88 -30.18
C TYR A 111 12.13 -14.20 -31.30
N LEU A 112 13.20 -13.44 -31.37
CA LEU A 112 14.22 -13.59 -32.44
C LEU A 112 15.00 -14.91 -32.34
N SER A 113 14.88 -15.62 -31.21
CA SER A 113 15.49 -16.91 -31.09
C SER A 113 14.89 -17.90 -32.09
N TYR A 114 13.62 -17.72 -32.42
CA TYR A 114 12.97 -18.46 -33.52
C TYR A 114 13.79 -18.45 -34.81
N PHE A 115 14.56 -17.37 -35.02
CA PHE A 115 15.53 -17.26 -36.10
C PHE A 115 16.92 -17.65 -35.62
N PHE A 116 17.39 -17.11 -34.50
CA PHE A 116 18.75 -17.47 -34.00
C PHE A 116 18.73 -18.27 -32.68
N PRO A 117 18.47 -19.59 -32.77
CA PRO A 117 18.53 -20.44 -31.59
C PRO A 117 19.80 -20.19 -30.78
N ILE A 118 20.89 -19.88 -31.49
CA ILE A 118 22.08 -19.27 -30.89
C ILE A 118 21.76 -18.52 -29.57
N LEU A 119 20.63 -17.82 -29.50
CA LEU A 119 20.26 -17.06 -28.30
C LEU A 119 19.03 -17.56 -27.48
N LYS A 120 19.03 -18.85 -27.14
CA LYS A 120 18.22 -19.35 -26.01
C LYS A 120 19.14 -19.50 -24.81
N ASP A 121 20.40 -19.88 -25.08
CA ASP A 121 21.46 -19.76 -24.10
C ASP A 121 21.39 -18.41 -23.37
N PRO A 122 21.26 -18.44 -22.04
CA PRO A 122 20.87 -17.28 -21.27
C PRO A 122 21.94 -16.18 -21.19
N LEU A 123 23.20 -16.53 -21.38
CA LEU A 123 24.30 -15.57 -21.30
C LEU A 123 24.32 -14.70 -22.56
N VAL A 124 24.44 -15.34 -23.71
CA VAL A 124 24.37 -14.68 -25.02
C VAL A 124 23.11 -13.81 -25.14
N LEU A 125 21.98 -14.32 -24.68
CA LEU A 125 20.73 -13.53 -24.59
C LEU A 125 20.93 -12.19 -23.84
N THR A 126 21.57 -12.22 -22.70
CA THR A 126 21.80 -10.98 -21.94
C THR A 126 22.82 -10.03 -22.62
N ILE A 127 23.89 -10.59 -23.21
CA ILE A 127 24.79 -9.79 -24.03
C ILE A 127 24.03 -9.08 -25.15
N THR A 128 23.26 -9.84 -25.93
CA THR A 128 22.40 -9.28 -27.00
C THR A 128 21.54 -8.16 -26.49
N CYS A 129 21.03 -8.31 -25.27
CA CYS A 129 20.08 -7.34 -24.72
C CYS A 129 20.70 -6.00 -24.42
N VAL A 130 21.83 -6.00 -23.70
CA VAL A 130 22.65 -4.79 -23.54
C VAL A 130 22.89 -4.07 -24.89
N VAL A 131 23.24 -4.82 -25.91
CA VAL A 131 23.42 -4.24 -27.23
C VAL A 131 22.16 -3.52 -27.70
N VAL A 132 21.07 -4.26 -27.86
CA VAL A 132 19.79 -3.70 -28.33
C VAL A 132 19.27 -2.64 -27.35
N LEU A 133 19.56 -2.87 -26.08
CA LEU A 133 19.13 -1.99 -25.01
C LEU A 133 19.72 -0.59 -25.23
N TRP A 134 21.03 -0.55 -25.44
CA TRP A 134 21.75 0.69 -25.75
C TRP A 134 21.54 1.19 -27.18
N ILE A 135 21.09 0.32 -28.08
CA ILE A 135 20.69 0.80 -29.42
C ILE A 135 19.54 1.76 -29.23
N PHE A 136 18.58 1.39 -28.39
CA PHE A 136 17.39 2.23 -28.26
C PHE A 136 17.58 3.42 -27.35
N VAL A 137 18.49 3.30 -26.39
CA VAL A 137 18.88 4.48 -25.61
C VAL A 137 19.50 5.52 -26.54
N LEU A 138 20.32 5.06 -27.49
CA LEU A 138 20.96 5.95 -28.45
C LEU A 138 19.94 6.57 -29.38
N LEU A 139 19.08 5.74 -29.97
CA LEU A 139 18.00 6.26 -30.82
C LEU A 139 17.17 7.32 -30.09
N ASN A 140 17.05 7.15 -28.78
CA ASN A 140 16.32 8.08 -27.95
C ASN A 140 17.10 9.38 -27.74
N ILE A 141 18.42 9.29 -27.79
CA ILE A 141 19.30 10.46 -27.67
C ILE A 141 19.31 11.32 -28.94
N VAL A 142 19.05 10.70 -30.10
CA VAL A 142 18.92 11.46 -31.35
C VAL A 142 17.52 12.09 -31.42
N GLY A 143 16.65 11.76 -30.46
CA GLY A 143 15.48 12.57 -30.18
C GLY A 143 14.13 11.90 -30.41
N PRO A 144 13.09 12.40 -29.74
CA PRO A 144 11.73 11.90 -29.76
C PRO A 144 11.06 11.86 -31.14
N LYS A 145 11.39 12.81 -32.00
CA LYS A 145 10.97 12.72 -33.40
C LYS A 145 11.43 11.34 -33.94
N MET A 146 12.64 10.93 -33.59
CA MET A 146 13.21 9.68 -34.10
C MET A 146 12.65 8.37 -33.51
N ILE A 147 12.61 8.23 -32.19
CA ILE A 147 12.09 6.96 -31.59
C ILE A 147 10.61 6.79 -31.89
N THR A 148 9.83 7.86 -31.80
CA THR A 148 8.42 7.75 -32.10
C THR A 148 8.19 7.20 -33.52
N ARG A 149 9.07 7.54 -34.46
CA ARG A 149 8.97 7.04 -35.83
C ARG A 149 9.40 5.58 -35.91
N VAL A 150 10.50 5.25 -35.25
CA VAL A 150 10.94 3.86 -35.14
C VAL A 150 9.85 3.02 -34.47
N GLN A 151 9.21 3.53 -33.44
CA GLN A 151 8.08 2.84 -32.83
C GLN A 151 6.87 2.75 -33.78
N ALA A 152 6.51 3.86 -34.42
CA ALA A 152 5.39 3.83 -35.30
C ALA A 152 5.56 2.71 -36.32
N VAL A 153 6.77 2.55 -36.85
CA VAL A 153 7.01 1.53 -37.87
C VAL A 153 7.00 0.16 -37.19
N ALA A 154 7.68 0.05 -36.07
CA ALA A 154 7.69 -1.17 -35.28
C ALA A 154 6.28 -1.65 -34.94
N THR A 155 5.41 -0.73 -34.53
CA THR A 155 4.08 -1.15 -34.11
C THR A 155 3.10 -1.40 -35.25
N VAL A 156 3.29 -0.78 -36.41
CA VAL A 156 2.46 -1.15 -37.56
C VAL A 156 2.94 -2.49 -38.13
N LEU A 157 4.25 -2.72 -38.04
CA LEU A 157 4.82 -4.06 -38.29
C LEU A 157 4.25 -5.12 -37.34
N ALA A 158 4.05 -4.74 -36.10
CA ALA A 158 3.50 -5.64 -35.10
C ALA A 158 1.98 -5.84 -35.26
N LEU A 159 1.29 -4.95 -35.99
CA LEU A 159 -0.17 -5.05 -36.19
C LEU A 159 -0.57 -5.96 -37.34
N ILE A 160 0.36 -6.23 -38.23
CA ILE A 160 0.10 -7.11 -39.38
C ILE A 160 -0.65 -8.37 -38.93
N PRO A 161 0.02 -9.27 -38.18
CA PRO A 161 -0.72 -10.50 -37.83
C PRO A 161 -2.03 -10.18 -37.11
N ILE A 162 -1.96 -9.22 -36.19
CA ILE A 162 -3.07 -8.94 -35.27
C ILE A 162 -4.34 -8.48 -36.01
N VAL A 163 -4.17 -7.74 -37.10
CA VAL A 163 -5.29 -7.40 -37.99
C VAL A 163 -5.54 -8.58 -38.94
N GLY A 164 -4.48 -9.11 -39.54
CA GLY A 164 -4.57 -10.29 -40.38
C GLY A 164 -5.64 -11.24 -39.89
N ILE A 165 -5.48 -11.76 -38.67
CA ILE A 165 -6.48 -12.64 -38.09
C ILE A 165 -7.73 -11.85 -37.75
N ALA A 166 -7.61 -10.82 -36.92
CA ALA A 166 -8.77 -10.01 -36.52
C ALA A 166 -9.72 -9.77 -37.69
N VAL A 167 -9.18 -9.46 -38.87
CA VAL A 167 -9.97 -9.30 -40.10
C VAL A 167 -10.17 -10.65 -40.77
N PHE A 168 -9.13 -11.21 -41.39
CA PHE A 168 -9.27 -12.42 -42.22
C PHE A 168 -9.46 -13.74 -41.45
N GLY A 169 -9.22 -13.73 -40.15
CA GLY A 169 -9.32 -14.96 -39.35
C GLY A 169 -10.69 -15.58 -39.28
N TRP A 170 -11.71 -14.79 -39.56
CA TRP A 170 -13.08 -15.26 -39.49
C TRP A 170 -13.41 -16.34 -40.50
N PHE A 171 -12.68 -16.43 -41.59
CA PHE A 171 -12.93 -17.50 -42.57
C PHE A 171 -12.75 -18.93 -42.05
N TRP A 172 -11.97 -19.09 -40.99
CA TRP A 172 -11.79 -20.40 -40.35
C TRP A 172 -12.53 -20.45 -39.02
N PHE A 173 -13.39 -19.47 -38.78
CA PHE A 173 -14.07 -19.38 -37.51
C PHE A 173 -15.24 -20.34 -37.51
N ARG A 174 -15.56 -20.86 -36.33
CA ARG A 174 -16.50 -21.94 -36.17
C ARG A 174 -17.23 -21.83 -34.86
N GLY A 175 -18.48 -21.39 -34.91
CA GLY A 175 -19.29 -21.21 -33.72
C GLY A 175 -19.28 -22.40 -32.82
N GLU A 176 -19.32 -23.58 -33.42
CA GLU A 176 -19.25 -24.86 -32.70
C GLU A 176 -18.00 -24.95 -31.82
N THR A 177 -16.85 -24.72 -32.43
CA THR A 177 -15.59 -24.68 -31.73
C THR A 177 -15.61 -23.71 -30.57
N TYR A 178 -15.98 -22.47 -30.85
CA TYR A 178 -15.97 -21.41 -29.85
C TYR A 178 -16.88 -21.72 -28.68
N MET A 179 -18.04 -22.26 -28.98
CA MET A 179 -19.02 -22.56 -27.94
C MET A 179 -18.62 -23.76 -27.12
N ALA A 180 -18.41 -24.90 -27.78
CA ALA A 180 -17.98 -26.11 -27.11
C ALA A 180 -16.95 -25.83 -26.02
N ALA A 181 -16.16 -24.76 -26.15
CA ALA A 181 -15.30 -24.30 -25.05
C ALA A 181 -15.73 -22.96 -24.48
N TRP A 182 -16.97 -22.88 -24.01
CA TRP A 182 -17.49 -21.64 -23.50
C TRP A 182 -16.95 -21.36 -22.10
N ASN A 183 -16.99 -22.38 -21.23
CA ASN A 183 -16.51 -22.28 -19.84
C ASN A 183 -15.70 -23.48 -19.32
N VAL A 184 -14.48 -23.58 -19.79
CA VAL A 184 -13.57 -24.66 -19.40
C VAL A 184 -13.05 -24.56 -17.95
N SER A 185 -13.12 -23.37 -17.34
CA SER A 185 -12.58 -23.16 -15.99
C SER A 185 -13.21 -24.03 -14.92
N GLY A 186 -14.49 -24.39 -15.12
CA GLY A 186 -15.28 -25.08 -14.10
C GLY A 186 -15.62 -24.19 -12.89
N LEU A 187 -15.79 -22.90 -13.14
CA LEU A 187 -16.23 -21.94 -12.13
C LEU A 187 -17.56 -21.32 -12.59
N GLY A 188 -18.30 -20.74 -11.65
CA GLY A 188 -19.58 -20.09 -11.98
C GLY A 188 -19.33 -18.97 -12.97
N THR A 189 -20.37 -18.48 -13.63
CA THR A 189 -20.15 -17.43 -14.63
C THR A 189 -19.37 -16.23 -14.04
N PHE A 190 -19.73 -15.75 -12.85
CA PHE A 190 -19.05 -14.60 -12.23
C PHE A 190 -17.66 -15.01 -11.75
N GLY A 191 -17.53 -16.29 -11.41
CA GLY A 191 -16.22 -16.83 -11.12
C GLY A 191 -15.32 -16.70 -12.33
N ALA A 192 -15.76 -17.25 -13.46
CA ALA A 192 -15.03 -17.16 -14.73
C ALA A 192 -14.71 -15.71 -15.07
N ILE A 193 -15.72 -14.84 -15.10
CA ILE A 193 -15.48 -13.43 -15.44
C ILE A 193 -14.30 -12.88 -14.64
N GLN A 194 -14.30 -13.05 -13.33
CA GLN A 194 -13.16 -12.60 -12.52
C GLN A 194 -11.84 -13.26 -12.93
N SER A 195 -11.86 -14.55 -13.23
CA SER A 195 -10.64 -15.23 -13.64
C SER A 195 -10.10 -14.78 -15.03
N THR A 196 -10.91 -14.04 -15.80
CA THR A 196 -10.43 -13.45 -17.07
C THR A 196 -10.01 -12.00 -16.85
N LEU A 197 -10.58 -11.32 -15.83
CA LEU A 197 -10.20 -9.96 -15.49
C LEU A 197 -8.81 -9.98 -14.96
N ASN A 198 -8.42 -11.09 -14.34
CA ASN A 198 -7.04 -11.22 -13.91
C ASN A 198 -6.08 -10.94 -15.05
N VAL A 199 -6.39 -11.39 -16.26
CA VAL A 199 -5.53 -11.20 -17.42
C VAL A 199 -5.80 -9.87 -18.09
N THR A 200 -7.05 -9.63 -18.45
CA THR A 200 -7.41 -8.54 -19.32
C THR A 200 -7.19 -7.18 -18.69
N LEU A 201 -7.43 -7.04 -17.40
CA LEU A 201 -7.32 -5.71 -16.79
C LEU A 201 -5.93 -5.12 -16.91
N TRP A 202 -4.91 -5.99 -16.97
CA TRP A 202 -3.52 -5.53 -17.16
C TRP A 202 -3.22 -5.28 -18.62
N SER A 203 -4.24 -5.40 -19.48
CA SER A 203 -4.02 -5.27 -20.90
C SER A 203 -3.88 -3.85 -21.32
N PHE A 204 -4.44 -2.93 -20.53
CA PHE A 204 -4.45 -1.52 -20.92
C PHE A 204 -3.46 -0.59 -20.19
N ILE A 205 -2.56 -1.14 -19.38
CA ILE A 205 -1.42 -0.33 -18.92
C ILE A 205 -0.83 0.33 -20.15
N GLY A 206 -0.62 1.65 -20.15
CA GLY A 206 -0.15 2.34 -21.36
C GLY A 206 -1.00 3.57 -21.75
N VAL A 207 -2.28 3.56 -21.43
CA VAL A 207 -3.14 4.72 -21.65
C VAL A 207 -2.53 6.07 -21.30
N GLU A 208 -1.61 6.07 -20.32
CA GLU A 208 -0.90 7.29 -19.90
C GLU A 208 0.07 7.85 -20.91
N SER A 209 0.60 6.99 -21.78
CA SER A 209 1.74 7.35 -22.64
C SER A 209 1.70 8.75 -23.23
N ALA A 210 0.61 9.08 -23.92
CA ALA A 210 0.49 10.37 -24.60
C ALA A 210 0.55 11.57 -23.64
N SER A 211 -0.18 11.48 -22.53
CA SER A 211 -0.22 12.57 -21.57
C SER A 211 1.12 12.75 -20.88
N VAL A 212 1.87 11.65 -20.75
CA VAL A 212 3.19 11.70 -20.19
C VAL A 212 4.15 12.38 -21.17
N ALA A 213 4.02 12.09 -22.46
CA ALA A 213 4.86 12.72 -23.48
C ALA A 213 4.25 14.02 -24.03
N ALA A 214 3.51 14.75 -23.20
CA ALA A 214 2.90 16.02 -23.61
C ALA A 214 3.95 17.04 -23.99
N GLY A 215 5.08 17.01 -23.29
CA GLY A 215 6.16 17.95 -23.52
C GLY A 215 6.79 17.86 -24.89
N VAL A 216 6.45 16.81 -25.61
CA VAL A 216 7.07 16.46 -26.87
C VAL A 216 6.05 16.21 -28.00
N VAL A 217 4.76 16.26 -27.70
CA VAL A 217 3.72 16.13 -28.72
C VAL A 217 3.40 17.49 -29.30
N LYS A 218 3.18 17.54 -30.62
CA LYS A 218 3.09 18.83 -31.34
C LYS A 218 2.03 19.77 -30.78
N ASN A 219 0.76 19.43 -30.92
CA ASN A 219 -0.29 20.32 -30.42
C ASN A 219 -0.99 19.69 -29.24
N PRO A 220 -0.38 19.81 -28.05
CA PRO A 220 -0.77 18.93 -26.97
C PRO A 220 -2.29 18.90 -26.73
N LYS A 221 -2.89 20.07 -26.59
CA LYS A 221 -4.32 20.15 -26.28
C LYS A 221 -5.25 19.40 -27.25
N ARG A 222 -4.98 19.44 -28.54
CA ARG A 222 -5.79 18.66 -29.48
C ARG A 222 -5.34 17.19 -29.50
N ASN A 223 -4.04 16.96 -29.57
CA ASN A 223 -3.50 15.65 -29.92
C ASN A 223 -3.43 14.62 -28.77
N VAL A 224 -3.06 15.04 -27.57
CA VAL A 224 -2.92 14.09 -26.48
C VAL A 224 -4.24 13.39 -26.18
N PRO A 225 -5.36 14.12 -26.18
CA PRO A 225 -6.68 13.51 -26.04
C PRO A 225 -7.09 12.58 -27.18
N ILE A 226 -6.86 13.01 -28.41
CA ILE A 226 -7.11 12.14 -29.55
C ILE A 226 -6.26 10.88 -29.45
N ALA A 227 -4.94 11.05 -29.30
CA ALA A 227 -4.00 9.90 -29.22
C ALA A 227 -4.31 8.96 -28.06
N THR A 228 -4.66 9.57 -26.94
CA THR A 228 -5.13 8.83 -25.78
C THR A 228 -6.36 7.93 -26.04
N ILE A 229 -7.47 8.52 -26.47
CA ILE A 229 -8.70 7.73 -26.71
C ILE A 229 -8.52 6.86 -27.93
N GLY A 230 -7.94 7.43 -28.97
CA GLY A 230 -7.81 6.75 -30.23
C GLY A 230 -7.02 5.49 -30.03
N GLY A 231 -5.84 5.67 -29.42
CA GLY A 231 -4.97 4.54 -29.07
C GLY A 231 -5.75 3.41 -28.43
N VAL A 232 -6.42 3.70 -27.32
CA VAL A 232 -7.18 2.70 -26.57
C VAL A 232 -8.28 2.07 -27.41
N LEU A 233 -8.89 2.84 -28.30
CA LEU A 233 -9.86 2.25 -29.20
C LEU A 233 -9.22 1.23 -30.16
N ILE A 234 -8.04 1.53 -30.70
CA ILE A 234 -7.34 0.57 -31.55
C ILE A 234 -7.02 -0.77 -30.82
N ALA A 235 -6.61 -0.66 -29.56
CA ALA A 235 -6.28 -1.82 -28.73
C ALA A 235 -7.53 -2.68 -28.42
N ALA A 236 -8.61 -2.02 -28.03
CA ALA A 236 -9.86 -2.71 -27.76
C ALA A 236 -10.32 -3.50 -28.98
N VAL A 237 -10.39 -2.83 -30.12
CA VAL A 237 -10.87 -3.47 -31.33
C VAL A 237 -10.11 -4.75 -31.62
N CYS A 238 -8.79 -4.66 -31.61
CA CYS A 238 -7.91 -5.81 -31.87
C CYS A 238 -8.09 -6.94 -30.88
N TYR A 239 -7.93 -6.63 -29.61
CA TYR A 239 -8.14 -7.58 -28.56
C TYR A 239 -9.37 -8.44 -28.77
N VAL A 240 -10.50 -7.76 -28.88
CA VAL A 240 -11.78 -8.43 -28.92
C VAL A 240 -11.89 -9.24 -30.19
N LEU A 241 -11.74 -8.57 -31.33
CA LEU A 241 -11.91 -9.22 -32.62
C LEU A 241 -10.93 -10.35 -32.87
N SER A 242 -9.69 -10.21 -32.37
CA SER A 242 -8.65 -11.18 -32.69
C SER A 242 -8.74 -12.40 -31.82
N THR A 243 -9.03 -12.23 -30.53
CA THR A 243 -8.99 -13.41 -29.63
C THR A 243 -10.33 -14.19 -29.64
N THR A 244 -11.45 -13.52 -29.91
CA THR A 244 -12.65 -14.29 -30.16
C THR A 244 -12.44 -15.06 -31.49
N ALA A 245 -11.79 -14.43 -32.46
CA ALA A 245 -11.58 -15.02 -33.78
C ALA A 245 -10.76 -16.28 -33.69
N ILE A 246 -9.68 -16.25 -32.91
CA ILE A 246 -8.83 -17.42 -32.67
C ILE A 246 -9.54 -18.54 -31.92
N MET A 247 -10.47 -18.22 -31.05
CA MET A 247 -11.09 -19.26 -30.25
C MET A 247 -12.14 -20.06 -31.01
N GLY A 248 -12.50 -19.61 -32.20
CA GLY A 248 -13.34 -20.38 -33.08
C GLY A 248 -12.52 -21.03 -34.18
N MET A 249 -11.21 -20.79 -34.17
CA MET A 249 -10.34 -21.28 -35.23
C MET A 249 -9.56 -22.48 -34.77
N ILE A 250 -9.02 -22.39 -33.56
CA ILE A 250 -8.28 -23.48 -32.97
C ILE A 250 -9.10 -24.01 -31.80
N PRO A 251 -9.20 -25.34 -31.65
CA PRO A 251 -9.83 -25.94 -30.48
C PRO A 251 -9.17 -25.55 -29.15
N ASN A 252 -10.00 -25.41 -28.12
CA ASN A 252 -9.53 -24.99 -26.81
C ASN A 252 -8.35 -25.81 -26.30
N ALA A 253 -8.48 -27.14 -26.38
CA ALA A 253 -7.44 -28.10 -25.96
C ALA A 253 -6.02 -27.76 -26.48
N ALA A 254 -5.87 -27.63 -27.79
CA ALA A 254 -4.61 -27.20 -28.43
C ALA A 254 -4.22 -25.80 -27.98
N LEU A 255 -5.19 -24.89 -28.07
CA LEU A 255 -4.95 -23.48 -27.91
C LEU A 255 -4.35 -23.09 -26.57
N ARG A 256 -4.89 -23.63 -25.49
CA ARG A 256 -4.43 -23.29 -24.13
C ARG A 256 -3.00 -23.81 -23.78
N VAL A 257 -2.52 -24.85 -24.48
CA VAL A 257 -1.11 -25.25 -24.40
C VAL A 257 -0.21 -24.70 -25.57
N SER A 258 -0.70 -23.72 -26.31
CA SER A 258 0.08 -23.09 -27.40
C SER A 258 1.14 -22.11 -26.84
N ALA A 259 2.37 -22.16 -27.40
CA ALA A 259 3.40 -21.17 -27.10
C ALA A 259 3.14 -19.88 -27.89
N SER A 260 2.74 -20.03 -29.17
CA SER A 260 2.31 -18.90 -29.99
C SER A 260 1.02 -19.26 -30.71
N PRO A 261 -0.14 -18.83 -30.14
CA PRO A 261 -1.46 -19.03 -30.77
C PRO A 261 -1.65 -18.33 -32.11
N PHE A 262 -1.05 -17.17 -32.30
CA PHE A 262 -1.09 -16.52 -33.59
C PHE A 262 -0.23 -17.27 -34.62
N GLY A 263 0.90 -17.80 -34.18
CA GLY A 263 1.72 -18.65 -35.03
C GLY A 263 0.95 -19.85 -35.55
N ASP A 264 0.11 -20.41 -34.69
CA ASP A 264 -0.75 -21.54 -35.04
C ASP A 264 -1.94 -21.08 -35.87
N ALA A 265 -2.55 -19.98 -35.46
CA ALA A 265 -3.61 -19.34 -36.25
C ALA A 265 -3.14 -19.05 -37.66
N ALA A 266 -2.04 -18.30 -37.74
CA ALA A 266 -1.48 -17.84 -39.01
C ALA A 266 -1.12 -19.03 -39.91
N ARG A 267 -0.65 -20.12 -39.31
CA ARG A 267 -0.28 -21.31 -40.09
C ARG A 267 -1.52 -21.94 -40.79
N MET A 268 -2.72 -21.56 -40.37
CA MET A 268 -3.94 -22.01 -41.06
C MET A 268 -4.25 -21.14 -42.29
N ALA A 269 -3.90 -19.86 -42.24
CA ALA A 269 -4.21 -18.91 -43.31
C ALA A 269 -3.09 -18.84 -44.34
N LEU A 270 -1.92 -18.41 -43.88
CA LEU A 270 -0.74 -18.28 -44.74
C LEU A 270 0.00 -19.59 -44.69
N GLY A 271 0.20 -20.14 -43.49
CA GLY A 271 0.82 -21.45 -43.37
C GLY A 271 2.32 -21.51 -43.58
N ASP A 272 2.95 -22.53 -42.97
CA ASP A 272 4.37 -22.91 -43.19
C ASP A 272 5.40 -21.91 -42.62
N THR A 273 5.55 -20.74 -43.26
CA THR A 273 6.51 -19.72 -42.82
C THR A 273 5.82 -18.60 -42.02
N ALA A 274 4.54 -18.77 -41.72
CA ALA A 274 3.79 -17.76 -40.97
C ALA A 274 4.39 -17.54 -39.58
N GLY A 275 5.02 -18.58 -39.01
CA GLY A 275 5.76 -18.41 -37.75
C GLY A 275 6.91 -17.42 -37.83
N ALA A 276 7.65 -17.45 -38.94
CA ALA A 276 8.69 -16.44 -39.21
C ALA A 276 8.08 -15.05 -39.09
N ILE A 277 7.12 -14.76 -39.99
CA ILE A 277 6.40 -13.50 -39.97
C ILE A 277 6.07 -13.10 -38.52
N VAL A 278 5.30 -13.95 -37.83
CA VAL A 278 4.80 -13.62 -36.49
C VAL A 278 5.91 -13.37 -35.45
N SER A 279 6.94 -14.19 -35.45
CA SER A 279 8.02 -13.98 -34.50
C SER A 279 8.89 -12.74 -34.84
N PHE A 280 8.83 -12.27 -36.08
CA PHE A 280 9.47 -10.99 -36.42
C PHE A 280 8.58 -9.85 -35.94
N CYS A 281 7.34 -9.83 -36.39
CA CYS A 281 6.30 -8.88 -35.91
C CYS A 281 6.13 -8.83 -34.37
N ALA A 282 6.25 -10.00 -33.74
CA ALA A 282 6.19 -10.06 -32.29
C ALA A 282 7.41 -9.38 -31.68
N ALA A 283 8.58 -9.53 -32.31
CA ALA A 283 9.82 -8.93 -31.80
C ALA A 283 9.86 -7.45 -32.12
N ALA A 284 9.37 -7.08 -33.29
CA ALA A 284 9.21 -5.66 -33.66
C ALA A 284 8.35 -4.93 -32.64
N GLY A 285 7.23 -5.56 -32.25
CA GLY A 285 6.32 -4.99 -31.27
C GLY A 285 6.99 -4.53 -29.99
N CYS A 286 7.71 -5.47 -29.34
CA CYS A 286 8.38 -5.23 -28.07
C CYS A 286 9.46 -4.21 -28.18
N LEU A 287 10.37 -4.45 -29.14
CA LEU A 287 11.48 -3.53 -29.34
C LEU A 287 11.02 -2.09 -29.60
N GLY A 288 9.90 -1.90 -30.30
CA GLY A 288 9.28 -0.58 -30.45
C GLY A 288 8.77 -0.03 -29.12
N SER A 289 7.87 -0.78 -28.47
CA SER A 289 7.46 -0.51 -27.10
C SER A 289 8.65 -0.23 -26.15
N LEU A 290 9.71 -1.05 -26.20
CA LEU A 290 10.96 -0.81 -25.43
C LEU A 290 11.43 0.63 -25.48
N GLY A 291 11.59 1.15 -26.69
CA GLY A 291 12.04 2.53 -26.86
C GLY A 291 11.03 3.55 -26.34
N GLY A 292 9.75 3.28 -26.57
CA GLY A 292 8.67 4.14 -26.11
C GLY A 292 8.57 4.29 -24.59
N TRP A 293 8.89 3.23 -23.86
CA TRP A 293 8.98 3.33 -22.41
C TRP A 293 10.22 4.13 -22.04
N THR A 294 11.35 3.83 -22.66
CA THR A 294 12.57 4.47 -22.18
C THR A 294 12.43 5.97 -22.46
N LEU A 295 11.63 6.32 -23.47
CA LEU A 295 11.24 7.70 -23.70
C LEU A 295 10.55 8.25 -22.49
N LEU A 296 9.44 7.62 -22.11
CA LEU A 296 8.59 8.10 -21.02
C LEU A 296 9.39 8.22 -19.73
N ALA A 297 10.23 7.22 -19.44
CA ALA A 297 11.23 7.33 -18.36
C ALA A 297 11.98 8.67 -18.43
N GLY A 298 12.43 9.02 -19.63
CA GLY A 298 13.14 10.26 -19.86
C GLY A 298 12.36 11.49 -19.46
N GLN A 299 11.06 11.45 -19.69
CA GLN A 299 10.21 12.63 -19.52
C GLN A 299 9.73 12.91 -18.08
N THR A 300 9.26 11.91 -17.36
CA THR A 300 8.92 12.13 -15.94
C THR A 300 10.13 12.73 -15.24
N ALA A 301 11.27 12.03 -15.24
CA ALA A 301 12.46 12.52 -14.56
C ALA A 301 12.77 13.96 -14.96
N LYS A 302 12.66 14.25 -16.24
CA LYS A 302 12.84 15.64 -16.69
C LYS A 302 11.90 16.56 -15.92
N ALA A 303 10.59 16.34 -16.04
CA ALA A 303 9.58 17.20 -15.41
C ALA A 303 9.81 17.38 -13.93
N ALA A 304 10.03 16.29 -13.22
CA ALA A 304 10.24 16.38 -11.78
C ALA A 304 11.56 17.09 -11.50
N ALA A 305 12.60 16.70 -12.22
CA ALA A 305 13.90 17.35 -12.02
C ALA A 305 13.74 18.84 -12.11
N ASP A 306 12.92 19.27 -13.08
CA ASP A 306 12.68 20.70 -13.36
C ASP A 306 11.99 21.44 -12.21
N ASP A 307 11.18 20.75 -11.39
CA ASP A 307 10.54 21.37 -10.22
C ASP A 307 11.26 21.07 -8.91
N GLY A 308 12.55 20.75 -8.97
CA GLY A 308 13.33 20.45 -7.77
C GLY A 308 12.98 19.11 -7.11
N LEU A 309 12.04 18.37 -7.70
CA LEU A 309 11.51 17.14 -7.09
C LEU A 309 12.21 15.84 -7.58
N PHE A 310 13.24 15.99 -8.38
CA PHE A 310 14.10 14.88 -8.76
C PHE A 310 15.48 15.47 -9.04
N PRO A 311 16.56 14.65 -8.99
CA PRO A 311 17.89 15.27 -9.06
C PRO A 311 18.09 16.18 -10.29
N PRO A 312 18.92 17.23 -10.16
CA PRO A 312 19.09 18.17 -11.27
C PRO A 312 19.55 17.52 -12.56
N ILE A 313 20.36 16.47 -12.46
CA ILE A 313 20.93 15.86 -13.65
C ILE A 313 19.86 15.41 -14.64
N PHE A 314 18.72 14.96 -14.14
CA PHE A 314 17.62 14.54 -15.01
C PHE A 314 16.91 15.71 -15.72
N ALA A 315 17.18 16.95 -15.30
CA ALA A 315 16.61 18.12 -15.95
C ALA A 315 17.52 18.71 -17.04
N ARG A 316 18.75 18.19 -17.11
CA ARG A 316 19.81 18.69 -18.00
C ARG A 316 19.51 18.27 -19.42
N VAL A 317 19.46 19.21 -20.34
CA VAL A 317 19.12 18.87 -21.71
C VAL A 317 20.17 19.35 -22.71
N ASN A 318 20.22 18.66 -23.84
CA ASN A 318 20.98 19.13 -24.99
C ASN A 318 20.17 20.25 -25.64
N LYS A 319 20.66 20.75 -26.76
CA LYS A 319 20.07 21.95 -27.38
C LYS A 319 18.67 21.69 -27.95
N ALA A 320 18.41 20.45 -28.36
CA ALA A 320 17.08 20.03 -28.81
C ALA A 320 16.10 19.96 -27.64
N GLY A 321 16.64 19.93 -26.43
CA GLY A 321 15.81 19.90 -25.23
C GLY A 321 15.57 18.51 -24.65
N THR A 322 16.25 17.51 -25.19
CA THR A 322 16.07 16.13 -24.75
C THR A 322 17.12 15.76 -23.67
N PRO A 323 16.69 15.03 -22.62
CA PRO A 323 17.49 14.86 -21.40
C PRO A 323 18.55 13.79 -21.51
N VAL A 324 19.68 14.15 -22.12
CA VAL A 324 20.63 13.14 -22.51
C VAL A 324 21.19 12.45 -21.29
N ALA A 325 21.75 13.22 -20.36
CA ALA A 325 22.33 12.61 -19.15
C ALA A 325 21.30 11.75 -18.45
N GLY A 326 20.07 12.25 -18.41
CA GLY A 326 18.98 11.50 -17.83
C GLY A 326 18.86 10.10 -18.41
N LEU A 327 18.86 10.00 -19.73
CA LEU A 327 18.63 8.71 -20.40
C LEU A 327 19.78 7.77 -20.24
N ILE A 328 21.00 8.32 -20.21
CA ILE A 328 22.21 7.52 -20.00
C ILE A 328 22.21 6.86 -18.64
N ILE A 329 21.64 7.53 -17.63
CA ILE A 329 21.39 6.86 -16.35
C ILE A 329 20.44 5.68 -16.55
N VAL A 330 19.24 5.93 -17.08
CA VAL A 330 18.33 4.82 -17.33
C VAL A 330 19.08 3.70 -18.04
N GLY A 331 19.87 4.05 -19.04
CA GLY A 331 20.62 3.06 -19.79
C GLY A 331 21.58 2.26 -18.95
N ILE A 332 22.31 2.94 -18.06
CA ILE A 332 23.26 2.27 -17.19
C ILE A 332 22.53 1.33 -16.27
N LEU A 333 21.47 1.83 -15.64
CA LEU A 333 20.69 1.04 -14.69
C LEU A 333 20.22 -0.26 -15.32
N MET A 334 19.59 -0.15 -16.48
CA MET A 334 19.13 -1.33 -17.19
C MET A 334 20.30 -2.26 -17.49
N THR A 335 21.49 -1.71 -17.76
CA THR A 335 22.67 -2.58 -17.95
C THR A 335 23.11 -3.28 -16.64
N ILE A 336 22.99 -2.58 -15.51
CA ILE A 336 23.31 -3.18 -14.22
C ILE A 336 22.33 -4.29 -13.82
N PHE A 337 21.03 -3.99 -13.86
CA PHE A 337 19.98 -4.93 -13.43
C PHE A 337 19.59 -5.88 -14.55
N GLN A 338 20.60 -6.52 -15.11
CA GLN A 338 20.49 -7.29 -16.35
C GLN A 338 21.70 -8.24 -16.41
N LEU A 339 22.88 -7.70 -16.12
CA LEU A 339 24.05 -8.50 -15.77
C LEU A 339 23.85 -9.11 -14.39
N SER A 340 23.28 -8.33 -13.46
CA SER A 340 22.84 -8.85 -12.16
C SER A 340 22.09 -10.17 -12.28
N SER A 341 21.28 -10.30 -13.36
CA SER A 341 20.60 -11.58 -13.68
C SER A 341 21.57 -12.81 -13.94
N ILE A 342 21.86 -13.15 -15.21
CA ILE A 342 22.46 -14.47 -15.62
C ILE A 342 21.41 -15.59 -15.49
N SER A 343 21.10 -15.99 -14.24
CA SER A 343 20.18 -17.13 -13.92
C SER A 343 19.73 -17.27 -12.42
N PRO A 344 20.66 -17.45 -11.43
CA PRO A 344 22.15 -17.36 -11.35
C PRO A 344 22.93 -18.48 -12.02
N GLY A 351 10.80 -11.42 -12.30
CA GLY A 351 9.43 -11.46 -12.86
C GLY A 351 8.42 -10.91 -11.85
N LEU A 352 8.67 -11.25 -10.59
CA LEU A 352 8.05 -10.56 -9.45
C LEU A 352 8.33 -9.07 -9.58
N VAL A 353 9.59 -8.74 -9.85
CA VAL A 353 10.03 -7.35 -9.95
C VAL A 353 9.31 -6.71 -11.10
N SER A 354 9.20 -7.44 -12.20
CA SER A 354 8.40 -6.93 -13.30
C SER A 354 6.99 -6.79 -12.83
N SER A 355 6.57 -7.63 -11.91
CA SER A 355 5.19 -7.60 -11.45
C SER A 355 4.94 -6.39 -10.55
N VAL A 356 5.78 -6.19 -9.53
CA VAL A 356 5.62 -5.03 -8.64
C VAL A 356 5.58 -3.78 -9.50
N SER A 357 6.44 -3.73 -10.54
CA SER A 357 6.47 -2.58 -11.41
C SER A 357 5.09 -2.27 -11.97
N VAL A 358 4.26 -3.30 -12.17
CA VAL A 358 2.98 -3.09 -12.82
C VAL A 358 1.95 -2.47 -11.88
N ILE A 359 2.12 -2.68 -10.60
CA ILE A 359 1.23 -2.06 -9.64
C ILE A 359 1.65 -0.61 -9.48
N PHE A 360 2.95 -0.34 -9.52
CA PHE A 360 3.47 1.05 -9.53
C PHE A 360 2.75 1.99 -10.52
N THR A 361 2.22 1.46 -11.60
CA THR A 361 1.62 2.29 -12.63
C THR A 361 0.15 2.63 -12.30
N LEU A 362 -0.48 1.78 -11.48
CA LEU A 362 -1.89 1.92 -11.11
C LEU A 362 -2.06 2.95 -10.05
N VAL A 363 -0.98 3.26 -9.34
CA VAL A 363 -1.02 4.37 -8.36
C VAL A 363 -1.23 5.79 -9.02
N PRO A 364 -0.39 6.16 -10.01
CA PRO A 364 -0.62 7.34 -10.87
C PRO A 364 -2.00 7.42 -11.49
N TYR A 365 -2.54 6.28 -11.94
CA TYR A 365 -3.87 6.25 -12.51
C TYR A 365 -4.86 6.73 -11.48
N LEU A 366 -4.69 6.28 -10.27
CA LEU A 366 -5.61 6.62 -9.21
C LEU A 366 -5.58 8.12 -8.93
N TYR A 367 -4.38 8.63 -8.65
CA TYR A 367 -4.22 10.05 -8.34
C TYR A 367 -4.59 10.95 -9.50
N THR A 368 -4.59 10.42 -10.71
CA THR A 368 -5.07 11.17 -11.85
C THR A 368 -6.58 11.29 -11.82
N CYS A 369 -7.31 10.22 -11.64
CA CYS A 369 -8.77 10.36 -11.61
C CYS A 369 -9.13 11.31 -10.48
N ALA A 370 -8.37 11.26 -9.36
CA ALA A 370 -8.57 12.22 -8.27
C ALA A 370 -8.39 13.64 -8.82
N ALA A 371 -7.21 13.86 -9.38
CA ALA A 371 -6.82 15.14 -9.93
C ALA A 371 -7.85 15.69 -10.90
N LEU A 372 -8.49 14.84 -11.71
CA LEU A 372 -9.53 15.33 -12.61
C LEU A 372 -10.66 16.06 -11.83
N LEU A 373 -11.14 15.42 -10.78
CA LEU A 373 -12.24 15.97 -9.98
C LEU A 373 -11.82 17.14 -9.13
N LEU A 374 -10.68 17.00 -8.48
CA LEU A 374 -10.20 18.00 -7.55
C LEU A 374 -9.73 19.32 -8.18
N LEU A 375 -9.07 19.23 -9.35
CA LEU A 375 -8.72 20.41 -10.20
C LEU A 375 -9.85 20.78 -11.16
N GLY A 376 -10.42 19.79 -11.83
CA GLY A 376 -11.28 20.05 -12.98
C GLY A 376 -12.74 20.44 -12.78
N HIS A 377 -13.24 20.35 -11.55
CA HIS A 377 -14.66 20.58 -11.27
C HIS A 377 -15.18 21.88 -11.88
N GLY A 378 -14.31 22.90 -11.88
CA GLY A 378 -14.62 24.19 -12.47
C GLY A 378 -15.09 24.07 -13.90
N HIS A 379 -14.43 23.23 -14.67
CA HIS A 379 -14.63 23.16 -16.12
C HIS A 379 -15.61 22.07 -16.57
N PHE A 380 -16.43 21.55 -15.66
CA PHE A 380 -17.33 20.46 -16.06
C PHE A 380 -18.66 20.89 -16.62
N GLY A 381 -18.97 22.18 -16.46
CA GLY A 381 -20.26 22.69 -16.86
C GLY A 381 -21.38 21.81 -16.36
N LYS A 382 -22.35 21.55 -17.23
CA LYS A 382 -23.56 20.81 -16.88
C LYS A 382 -23.42 19.32 -17.17
N ALA A 383 -22.19 18.89 -17.46
CA ALA A 383 -21.89 17.46 -17.59
C ALA A 383 -21.32 16.88 -16.29
N ARG A 384 -21.51 17.55 -15.16
CA ARG A 384 -21.05 17.05 -13.87
C ARG A 384 -21.28 15.53 -13.65
N PRO A 385 -22.55 15.09 -13.75
CA PRO A 385 -22.79 13.67 -13.52
C PRO A 385 -21.96 12.77 -14.43
N ALA A 386 -21.82 13.16 -15.69
CA ALA A 386 -21.09 12.36 -16.65
C ALA A 386 -19.69 12.16 -16.14
N TYR A 387 -19.03 13.25 -15.72
CA TYR A 387 -17.63 13.12 -15.29
C TYR A 387 -17.41 12.36 -13.96
N LEU A 388 -18.41 12.37 -13.09
CA LEU A 388 -18.38 11.57 -11.86
C LEU A 388 -18.54 10.09 -12.16
N ALA A 389 -19.52 9.75 -13.02
CA ALA A 389 -19.77 8.36 -13.39
C ALA A 389 -18.47 7.79 -13.97
N VAL A 390 -17.98 8.42 -15.04
CA VAL A 390 -16.75 7.98 -15.71
C VAL A 390 -15.53 7.77 -14.78
N THR A 391 -15.20 8.77 -13.96
CA THR A 391 -14.01 8.63 -13.12
C THR A 391 -14.18 7.55 -12.04
N THR A 392 -15.39 7.38 -11.51
CA THR A 392 -15.62 6.27 -10.55
C THR A 392 -15.45 4.89 -11.20
N ILE A 393 -15.78 4.77 -12.49
CA ILE A 393 -15.42 3.57 -13.25
C ILE A 393 -13.87 3.40 -13.22
N ALA A 394 -13.18 4.46 -13.64
CA ALA A 394 -11.74 4.48 -13.67
C ALA A 394 -11.16 4.06 -12.32
N PHE A 395 -11.85 4.43 -11.24
CA PHE A 395 -11.45 4.02 -9.89
C PHE A 395 -11.65 2.51 -9.75
N LEU A 396 -12.90 2.07 -9.96
CA LEU A 396 -13.20 0.64 -9.89
C LEU A 396 -12.17 -0.16 -10.71
N TYR A 397 -11.81 0.36 -11.86
CA TYR A 397 -10.86 -0.28 -12.72
C TYR A 397 -9.52 -0.41 -12.05
N CYS A 398 -9.02 0.64 -11.40
CA CYS A 398 -7.70 0.52 -10.72
C CYS A 398 -7.72 -0.36 -9.46
N ILE A 399 -8.77 -0.22 -8.68
CA ILE A 399 -8.92 -0.99 -7.49
C ILE A 399 -9.15 -2.45 -7.83
N TRP A 400 -9.99 -2.70 -8.82
CA TRP A 400 -10.32 -4.07 -9.13
C TRP A 400 -9.11 -4.82 -9.70
N ALA A 401 -8.26 -4.14 -10.45
CA ALA A 401 -6.90 -4.64 -10.79
C ALA A 401 -6.10 -5.16 -9.57
N VAL A 402 -5.97 -4.32 -8.55
CA VAL A 402 -5.22 -4.69 -7.35
C VAL A 402 -5.94 -5.72 -6.54
N VAL A 403 -7.27 -5.67 -6.54
CA VAL A 403 -8.03 -6.70 -5.82
C VAL A 403 -7.54 -8.10 -6.24
N GLY A 404 -7.28 -8.31 -7.53
CA GLY A 404 -6.85 -9.63 -8.06
C GLY A 404 -5.39 -9.77 -8.55
N SER A 405 -4.47 -8.99 -7.98
CA SER A 405 -3.04 -9.24 -8.14
C SER A 405 -2.65 -10.28 -7.14
N GLY A 406 -1.42 -10.76 -7.23
CA GLY A 406 -0.87 -11.56 -6.17
C GLY A 406 -0.63 -10.65 -4.99
N ALA A 407 -0.81 -11.17 -3.77
CA ALA A 407 -0.50 -10.41 -2.56
C ALA A 407 0.98 -10.01 -2.54
N LYS A 408 1.87 -10.96 -2.80
CA LYS A 408 3.32 -10.72 -2.69
C LYS A 408 3.75 -9.45 -3.40
N GLU A 409 3.21 -9.18 -4.58
CA GLU A 409 3.64 -7.98 -5.31
C GLU A 409 2.91 -6.71 -4.91
N VAL A 410 1.80 -6.83 -4.21
CA VAL A 410 1.21 -5.64 -3.62
C VAL A 410 1.99 -5.32 -2.35
N MET A 411 2.21 -6.32 -1.51
CA MET A 411 3.04 -6.10 -0.32
C MET A 411 4.24 -5.27 -0.71
N TRP A 412 4.96 -5.70 -1.74
CA TRP A 412 6.21 -5.05 -2.06
C TRP A 412 5.99 -3.67 -2.64
N SER A 413 4.92 -3.49 -3.39
CA SER A 413 4.55 -2.15 -3.89
C SER A 413 4.32 -1.16 -2.76
N PHE A 414 3.63 -1.67 -1.75
CA PHE A 414 3.39 -0.92 -0.55
C PHE A 414 4.70 -0.62 0.22
N VAL A 415 5.57 -1.61 0.44
CA VAL A 415 6.83 -1.37 1.13
C VAL A 415 7.69 -0.35 0.40
N THR A 416 7.61 -0.30 -0.93
CA THR A 416 8.45 0.66 -1.67
C THR A 416 7.80 2.06 -1.54
N LEU A 417 6.49 2.07 -1.42
CA LEU A 417 5.82 3.31 -1.10
C LEU A 417 6.29 3.92 0.23
N MET A 418 6.57 3.09 1.21
CA MET A 418 7.00 3.61 2.50
C MET A 418 8.39 4.18 2.41
N VAL A 419 9.25 3.52 1.64
CA VAL A 419 10.64 3.91 1.49
C VAL A 419 10.71 5.20 0.70
N ILE A 420 9.76 5.39 -0.20
CA ILE A 420 9.72 6.59 -1.02
C ILE A 420 9.45 7.77 -0.11
N THR A 421 8.55 7.59 0.85
CA THR A 421 8.16 8.71 1.70
C THR A 421 9.18 8.95 2.82
N ALA A 422 10.11 8.03 2.98
CA ALA A 422 11.19 8.19 3.94
C ALA A 422 12.27 9.02 3.28
N MET A 423 12.46 8.81 1.98
CA MET A 423 13.46 9.56 1.22
C MET A 423 13.05 11.02 1.02
N TYR A 424 11.76 11.25 0.76
CA TYR A 424 11.27 12.62 0.65
C TYR A 424 11.56 13.36 1.96
N ALA A 425 11.11 12.80 3.07
CA ALA A 425 11.39 13.38 4.36
C ALA A 425 12.88 13.65 4.55
N LEU A 426 13.73 12.71 4.17
CA LEU A 426 15.16 12.82 4.43
C LEU A 426 15.83 13.79 3.47
N ASN A 427 15.37 13.86 2.23
CA ASN A 427 16.04 14.66 1.20
C ASN A 427 15.47 16.04 1.00
N TYR A 428 14.30 16.32 1.56
CA TYR A 428 13.63 17.59 1.25
C TYR A 428 13.29 18.45 2.47
N ASN A 429 13.59 17.96 3.67
CA ASN A 429 13.43 18.77 4.86
C ASN A 429 14.33 19.97 4.70
N ARG A 430 13.79 21.16 5.03
CA ARG A 430 14.39 22.49 4.77
C ARG A 430 13.82 23.14 3.50
N LEU A 431 13.85 22.40 2.39
CA LEU A 431 13.26 22.89 1.15
C LEU A 431 11.74 22.78 1.18
N HIS A 432 11.21 21.89 2.04
CA HIS A 432 9.78 21.59 2.02
C HIS A 432 8.93 22.77 2.51
N LYS A 433 7.71 22.83 1.99
CA LYS A 433 6.81 23.97 2.16
C LYS A 433 5.50 23.47 2.76
N ASN A 434 5.27 23.82 4.01
CA ASN A 434 4.19 23.23 4.78
C ASN A 434 2.93 24.04 4.69
N PRO A 435 1.83 23.43 4.27
CA PRO A 435 0.57 24.13 4.32
C PRO A 435 0.24 24.84 5.66
N TYR A 436 0.76 24.38 6.80
CA TYR A 436 0.46 24.99 8.09
C TYR A 436 1.70 24.89 8.98
N PRO A 437 2.71 25.74 8.73
CA PRO A 437 3.93 25.61 9.50
C PRO A 437 3.78 25.95 10.98
N LEU A 438 4.82 25.58 11.71
CA LEU A 438 5.03 26.02 13.07
C LEU A 438 5.76 27.37 13.07
N ASP A 439 5.52 28.21 14.09
CA ASP A 439 6.35 29.42 14.27
C ASP A 439 7.65 29.05 15.02
N ALA A 440 8.74 29.83 14.76
CA ALA A 440 10.06 29.61 15.38
C ALA A 440 10.26 30.51 16.58
N ALA B 5 -5.02 22.96 32.56
CA ALA B 5 -5.74 22.48 33.78
C ALA B 5 -7.26 22.40 33.52
N ASP B 6 -7.85 23.59 33.30
CA ASP B 6 -9.32 23.79 33.18
C ASP B 6 -10.00 22.75 32.26
N ALA B 7 -10.68 21.77 32.85
CA ALA B 7 -10.74 21.54 34.33
C ALA B 7 -10.73 20.03 34.56
N HIS B 8 -11.57 19.38 33.76
CA HIS B 8 -11.62 17.94 33.55
C HIS B 8 -10.74 17.55 32.35
N LYS B 9 -9.44 17.82 32.46
CA LYS B 9 -8.43 17.19 31.60
C LYS B 9 -7.81 16.08 32.43
N VAL B 10 -6.81 15.40 31.89
CA VAL B 10 -6.16 14.29 32.61
C VAL B 10 -4.70 14.58 32.91
N GLY B 11 -4.22 14.10 34.06
CA GLY B 11 -2.87 14.41 34.52
C GLY B 11 -1.84 13.45 33.99
N LEU B 12 -0.56 13.79 34.17
CA LEU B 12 0.60 12.94 33.85
C LEU B 12 0.38 11.44 34.08
N ILE B 13 0.10 11.04 35.32
CA ILE B 13 0.07 9.61 35.67
C ILE B 13 -0.95 8.82 34.85
N PRO B 14 -2.25 9.15 34.97
CA PRO B 14 -3.25 8.53 34.11
C PRO B 14 -2.84 8.44 32.63
N VAL B 15 -2.39 9.56 32.06
CA VAL B 15 -1.96 9.62 30.67
C VAL B 15 -0.89 8.60 30.38
N THR B 16 0.10 8.50 31.24
CA THR B 16 1.20 7.60 30.95
C THR B 16 0.72 6.12 31.09
N LEU B 17 0.00 5.84 32.15
CA LEU B 17 -0.61 4.52 32.30
C LEU B 17 -1.55 4.16 31.14
N MET B 18 -2.22 5.13 30.54
CA MET B 18 -2.97 4.87 29.30
C MET B 18 -2.04 4.41 28.17
N VAL B 19 -0.87 5.02 28.07
CA VAL B 19 0.11 4.58 27.09
C VAL B 19 0.53 3.13 27.39
N SER B 20 1.21 2.90 28.50
CA SER B 20 1.54 1.53 28.90
C SER B 20 0.37 0.59 28.73
N GLY B 21 -0.79 1.02 29.22
CA GLY B 21 -2.03 0.21 29.15
C GLY B 21 -2.36 -0.26 27.74
N ASN B 22 -2.46 0.66 26.81
CA ASN B 22 -2.78 0.32 25.42
C ASN B 22 -1.68 -0.47 24.72
N ILE B 23 -0.43 -0.18 25.06
CA ILE B 23 0.71 -0.90 24.49
C ILE B 23 0.73 -2.36 24.92
N MET B 24 0.83 -2.59 26.24
CA MET B 24 1.01 -3.94 26.78
C MET B 24 -0.25 -4.73 26.54
N GLY B 25 -1.36 -4.18 27.03
CA GLY B 25 -2.71 -4.63 26.69
C GLY B 25 -2.88 -6.14 26.74
N SER B 26 -3.36 -6.68 25.62
CA SER B 26 -3.71 -8.10 25.52
C SER B 26 -2.51 -9.03 25.31
N GLY B 27 -1.42 -8.45 24.81
CA GLY B 27 -0.35 -9.23 24.24
C GLY B 27 0.71 -9.59 25.25
N VAL B 28 0.88 -8.75 26.25
CA VAL B 28 1.97 -8.93 27.20
C VAL B 28 1.93 -10.33 27.81
N PHE B 29 0.73 -10.91 27.88
CA PHE B 29 0.51 -12.24 28.47
C PHE B 29 0.79 -13.44 27.57
N LEU B 30 0.86 -13.19 26.27
CA LEU B 30 1.04 -14.24 25.27
C LEU B 30 2.42 -14.24 24.65
N LEU B 31 3.24 -13.24 24.99
CA LEU B 31 4.55 -13.08 24.37
C LEU B 31 5.46 -14.29 24.59
N PRO B 32 5.69 -14.65 25.85
CA PRO B 32 6.61 -15.73 26.08
C PRO B 32 6.18 -17.07 25.48
N ALA B 33 4.90 -17.17 25.11
CA ALA B 33 4.39 -18.35 24.41
C ALA B 33 4.81 -18.34 22.94
N ASN B 34 5.01 -17.16 22.38
CA ASN B 34 5.30 -17.06 20.94
C ASN B 34 6.78 -16.94 20.65
N LEU B 35 7.50 -16.35 21.59
CA LEU B 35 8.95 -16.35 21.52
C LEU B 35 9.48 -17.75 21.82
N ALA B 36 8.71 -18.54 22.56
CA ALA B 36 9.09 -19.90 22.91
C ALA B 36 9.22 -20.80 21.68
N SER B 37 8.59 -20.36 20.59
CA SER B 37 8.70 -21.06 19.32
C SER B 37 10.08 -20.85 18.68
N THR B 38 10.86 -19.88 19.18
CA THR B 38 12.20 -19.66 18.65
C THR B 38 13.33 -19.83 19.70
N GLY B 39 13.08 -19.39 20.94
CA GLY B 39 14.03 -19.55 22.07
C GLY B 39 14.60 -18.29 22.75
N GLY B 40 15.60 -18.52 23.59
CA GLY B 40 16.24 -17.45 24.36
C GLY B 40 16.98 -16.43 23.51
N ILE B 41 17.23 -16.78 22.26
CA ILE B 41 17.78 -15.83 21.30
C ILE B 41 16.77 -14.69 21.03
N ALA B 42 15.53 -14.85 21.49
CA ALA B 42 14.58 -13.77 21.32
C ALA B 42 15.02 -12.55 22.11
N ILE B 43 16.00 -12.74 23.00
CA ILE B 43 16.62 -11.63 23.71
C ILE B 43 17.20 -10.65 22.70
N TYR B 44 17.95 -11.13 21.70
CA TYR B 44 18.57 -10.25 20.69
C TYR B 44 17.50 -9.46 19.95
N GLY B 45 16.45 -10.18 19.53
CA GLY B 45 15.27 -9.56 18.90
C GLY B 45 14.76 -8.40 19.71
N TRP B 46 14.64 -8.58 21.01
CA TRP B 46 14.22 -7.46 21.85
C TRP B 46 15.16 -6.26 21.70
N LEU B 47 16.47 -6.45 21.95
CA LEU B 47 17.43 -5.32 21.88
C LEU B 47 17.23 -4.55 20.57
N VAL B 48 17.02 -5.24 19.46
CA VAL B 48 16.67 -4.57 18.23
C VAL B 48 15.27 -3.93 18.30
N THR B 49 14.26 -4.64 18.79
CA THR B 49 12.90 -4.08 18.83
C THR B 49 12.79 -2.84 19.73
N ILE B 50 13.57 -2.82 20.84
CA ILE B 50 13.55 -1.73 21.82
C ILE B 50 14.10 -0.42 21.25
N ILE B 51 15.34 -0.41 20.79
CA ILE B 51 15.91 0.84 20.27
C ILE B 51 15.09 1.36 19.10
N GLY B 52 14.49 0.46 18.33
CA GLY B 52 13.56 0.87 17.30
C GLY B 52 12.28 1.49 17.83
N ALA B 53 11.81 1.03 18.99
CA ALA B 53 10.59 1.56 19.63
C ALA B 53 10.87 2.87 20.39
N LEU B 54 12.07 2.97 20.96
CA LEU B 54 12.54 4.23 21.59
C LEU B 54 12.69 5.33 20.55
N GLY B 55 13.04 4.98 19.32
CA GLY B 55 13.11 5.95 18.23
C GLY B 55 11.74 6.56 18.04
N LEU B 56 10.79 5.71 17.71
CA LEU B 56 9.47 6.15 17.40
C LEU B 56 8.83 6.85 18.60
N SER B 57 9.26 6.49 19.81
CA SER B 57 8.78 7.23 21.00
C SER B 57 9.28 8.67 20.97
N MET B 58 10.59 8.83 20.86
CA MET B 58 11.22 10.15 20.83
C MET B 58 10.66 11.05 19.72
N VAL B 59 10.40 10.45 18.55
CA VAL B 59 9.81 11.19 17.46
C VAL B 59 8.47 11.76 17.92
N TYR B 60 7.56 10.89 18.29
CA TYR B 60 6.29 11.37 18.81
C TYR B 60 6.46 12.36 19.98
N ALA B 61 7.40 12.08 20.86
CA ALA B 61 7.72 12.97 21.98
C ALA B 61 8.03 14.39 21.51
N LYS B 62 9.02 14.53 20.65
CA LYS B 62 9.44 15.84 20.18
C LYS B 62 8.34 16.49 19.33
N MET B 63 7.71 15.70 18.47
CA MET B 63 6.65 16.22 17.64
C MET B 63 5.57 16.85 18.48
N SER B 64 5.09 16.12 19.48
CA SER B 64 3.98 16.59 20.31
C SER B 64 4.38 17.79 21.19
N PHE B 65 5.67 17.87 21.47
CA PHE B 65 6.22 19.00 22.21
C PHE B 65 6.14 20.25 21.33
N LEU B 66 6.60 20.11 20.08
CA LEU B 66 6.63 21.24 19.13
C LEU B 66 5.23 21.69 18.79
N ASP B 67 4.43 20.80 18.28
CA ASP B 67 3.04 21.06 18.10
C ASP B 67 2.31 20.07 18.96
N PRO B 68 1.62 20.54 20.02
CA PRO B 68 0.75 19.65 20.77
C PRO B 68 -0.69 19.78 20.30
N SER B 69 -0.91 19.60 19.00
CA SER B 69 -2.26 19.60 18.46
C SER B 69 -2.95 18.34 18.94
N PRO B 70 -4.30 18.40 19.06
CA PRO B 70 -5.16 17.25 19.31
C PRO B 70 -5.37 16.38 18.05
N GLY B 71 -5.19 15.07 18.19
CA GLY B 71 -5.25 14.13 17.05
C GLY B 71 -3.88 13.62 16.61
N GLY B 72 -2.83 14.08 17.30
CA GLY B 72 -1.44 13.66 17.04
C GLY B 72 -1.12 13.45 15.58
N SER B 73 -0.92 12.19 15.24
CA SER B 73 -0.51 11.77 13.90
C SER B 73 -1.25 12.60 12.85
N TYR B 74 -2.58 12.55 12.90
CA TYR B 74 -3.47 13.24 11.97
C TYR B 74 -3.05 14.69 11.83
N ALA B 75 -2.91 15.34 12.98
CA ALA B 75 -2.59 16.75 13.02
C ALA B 75 -1.31 17.03 12.23
N TYR B 76 -0.23 16.36 12.58
CA TYR B 76 1.06 16.58 11.93
C TYR B 76 0.97 16.39 10.40
N ALA B 77 0.41 15.27 9.96
CA ALA B 77 0.24 14.99 8.54
C ALA B 77 -0.58 16.06 7.83
N ARG B 78 -1.48 16.72 8.53
CA ARG B 78 -2.19 17.81 7.90
C ARG B 78 -1.25 19.03 7.66
N ARG B 79 -0.40 19.32 8.64
CA ARG B 79 0.53 20.45 8.59
C ARG B 79 1.50 20.23 7.48
N CYS B 80 1.97 18.99 7.40
CA CYS B 80 3.07 18.61 6.57
C CYS B 80 2.68 18.51 5.12
N PHE B 81 1.55 17.82 4.88
CA PHE B 81 1.14 17.37 3.55
C PHE B 81 -0.24 17.83 3.08
N GLY B 82 -1.02 18.45 3.96
CA GLY B 82 -2.31 19.04 3.57
C GLY B 82 -3.49 18.17 3.89
N PRO B 83 -4.72 18.61 3.60
CA PRO B 83 -5.92 17.95 4.03
C PRO B 83 -6.07 16.54 3.56
N PHE B 84 -5.63 16.23 2.36
CA PHE B 84 -5.72 14.86 1.88
C PHE B 84 -4.93 13.84 2.73
N LEU B 85 -3.61 13.98 2.86
CA LEU B 85 -2.87 13.07 3.76
C LEU B 85 -3.30 13.17 5.23
N GLY B 86 -4.01 14.23 5.58
CA GLY B 86 -4.68 14.30 6.88
C GLY B 86 -5.86 13.33 6.89
N TYR B 87 -6.79 13.58 5.98
CA TYR B 87 -7.95 12.70 5.80
C TYR B 87 -7.58 11.23 5.72
N GLN B 88 -6.44 10.94 5.16
CA GLN B 88 -6.01 9.57 5.03
C GLN B 88 -5.63 9.00 6.41
N THR B 89 -4.90 9.79 7.19
CA THR B 89 -4.41 9.33 8.49
C THR B 89 -5.55 9.07 9.45
N ASN B 90 -6.52 9.96 9.47
CA ASN B 90 -7.65 9.78 10.34
C ASN B 90 -8.37 8.50 10.00
N VAL B 91 -8.93 8.43 8.79
CA VAL B 91 -9.78 7.28 8.45
C VAL B 91 -9.05 6.03 8.87
N LEU B 92 -7.78 5.92 8.48
CA LEU B 92 -7.03 4.74 8.85
C LEU B 92 -6.96 4.53 10.35
N TYR B 93 -6.42 5.49 11.07
CA TYR B 93 -6.21 5.29 12.48
C TYR B 93 -7.54 5.12 13.24
N TRP B 94 -8.57 5.86 12.82
CA TRP B 94 -9.89 5.75 13.42
C TRP B 94 -10.42 4.33 13.31
N LEU B 95 -10.22 3.69 12.17
CA LEU B 95 -10.56 2.26 12.05
C LEU B 95 -9.61 1.39 12.88
N ALA B 96 -8.31 1.64 12.76
CA ALA B 96 -7.33 0.92 13.53
C ALA B 96 -7.71 0.90 15.00
N CYS B 97 -8.30 2.00 15.47
CA CYS B 97 -8.78 2.09 16.85
C CYS B 97 -9.99 1.18 17.16
N TRP B 98 -11.12 1.45 16.52
CA TRP B 98 -12.30 0.76 16.96
C TRP B 98 -12.40 -0.71 16.56
N ILE B 99 -11.71 -1.11 15.49
CA ILE B 99 -11.44 -2.55 15.28
C ILE B 99 -10.53 -3.10 16.39
N GLY B 100 -9.52 -2.34 16.76
CA GLY B 100 -8.65 -2.74 17.87
C GLY B 100 -9.45 -2.93 19.14
N ALA B 101 -10.42 -2.04 19.36
CA ALA B 101 -11.30 -2.15 20.53
C ALA B 101 -11.97 -3.53 20.51
N ILE B 102 -12.54 -3.90 19.37
CA ILE B 102 -13.26 -5.16 19.25
C ILE B 102 -12.37 -6.28 19.79
N ALA B 103 -11.12 -6.32 19.36
CA ALA B 103 -10.20 -7.38 19.83
C ALA B 103 -10.06 -7.38 21.37
N MET B 104 -10.06 -6.21 22.00
CA MET B 104 -9.88 -6.17 23.45
C MET B 104 -11.03 -6.81 24.23
N VAL B 105 -12.26 -6.46 23.85
CA VAL B 105 -13.44 -6.92 24.55
C VAL B 105 -13.52 -8.44 24.45
N VAL B 106 -13.27 -8.98 23.27
CA VAL B 106 -13.20 -10.43 23.09
C VAL B 106 -12.15 -11.07 24.00
N ILE B 107 -10.91 -10.66 23.83
CA ILE B 107 -9.81 -11.22 24.59
C ILE B 107 -10.01 -11.03 26.07
N GLY B 108 -10.32 -9.81 26.48
CA GLY B 108 -10.61 -9.53 27.88
C GLY B 108 -11.67 -10.45 28.47
N VAL B 109 -12.88 -10.38 27.90
CA VAL B 109 -13.99 -11.21 28.36
C VAL B 109 -13.64 -12.69 28.32
N GLY B 110 -12.89 -13.10 27.31
CA GLY B 110 -12.40 -14.46 27.24
C GLY B 110 -11.53 -14.93 28.41
N TYR B 111 -10.83 -14.00 29.06
CA TYR B 111 -10.07 -14.38 30.25
C TYR B 111 -11.00 -14.73 31.41
N LEU B 112 -12.13 -14.01 31.47
CA LEU B 112 -13.12 -14.22 32.52
C LEU B 112 -13.81 -15.57 32.44
N SER B 113 -13.72 -16.25 31.30
CA SER B 113 -14.28 -17.59 31.18
C SER B 113 -13.61 -18.57 32.14
N TYR B 114 -12.35 -18.30 32.47
CA TYR B 114 -11.68 -19.01 33.55
C TYR B 114 -12.53 -19.06 34.84
N PHE B 115 -13.31 -18.02 35.08
CA PHE B 115 -14.27 -17.96 36.19
C PHE B 115 -15.67 -18.42 35.76
N PHE B 116 -16.19 -17.89 34.66
CA PHE B 116 -17.50 -18.32 34.16
C PHE B 116 -17.40 -19.10 32.83
N PRO B 117 -17.10 -20.42 32.89
CA PRO B 117 -17.17 -21.29 31.69
C PRO B 117 -18.47 -21.11 30.91
N ILE B 118 -19.55 -20.85 31.62
CA ILE B 118 -20.78 -20.29 31.04
C ILE B 118 -20.50 -19.55 29.70
N LEU B 119 -19.41 -18.77 29.62
CA LEU B 119 -19.11 -17.98 28.41
C LEU B 119 -17.86 -18.43 27.62
N LYS B 120 -17.83 -19.70 27.27
CA LYS B 120 -17.02 -20.18 26.14
C LYS B 120 -17.95 -20.38 24.94
N ASP B 121 -19.18 -20.80 25.24
CA ASP B 121 -20.26 -20.74 24.26
C ASP B 121 -20.23 -19.39 23.54
N PRO B 122 -20.10 -19.41 22.19
CA PRO B 122 -19.77 -18.20 21.42
C PRO B 122 -20.89 -17.12 21.39
N LEU B 123 -22.15 -17.56 21.56
CA LEU B 123 -23.30 -16.65 21.52
C LEU B 123 -23.38 -15.81 22.79
N VAL B 124 -23.42 -16.46 23.94
CA VAL B 124 -23.34 -15.77 25.22
C VAL B 124 -22.12 -14.83 25.26
N LEU B 125 -20.97 -15.31 24.80
CA LEU B 125 -19.76 -14.49 24.71
C LEU B 125 -20.03 -13.18 23.99
N THR B 126 -20.70 -13.23 22.84
CA THR B 126 -20.99 -12.01 22.09
C THR B 126 -22.03 -11.10 22.81
N ILE B 127 -23.04 -11.68 23.45
CA ILE B 127 -23.98 -10.91 24.30
C ILE B 127 -23.25 -10.17 25.44
N THR B 128 -22.40 -10.89 26.17
CA THR B 128 -21.57 -10.30 27.22
C THR B 128 -20.76 -9.12 26.72
N CYS B 129 -20.26 -9.25 25.50
CA CYS B 129 -19.38 -8.25 24.92
C CYS B 129 -20.08 -6.95 24.61
N VAL B 130 -21.18 -7.00 23.86
CA VAL B 130 -22.05 -5.82 23.70
C VAL B 130 -22.24 -5.09 25.04
N VAL B 131 -22.60 -5.85 26.07
CA VAL B 131 -22.78 -5.28 27.39
C VAL B 131 -21.52 -4.52 27.81
N VAL B 132 -20.42 -5.24 28.00
CA VAL B 132 -19.17 -4.64 28.46
C VAL B 132 -18.66 -3.60 27.46
N LEU B 133 -18.99 -3.80 26.22
CA LEU B 133 -18.62 -2.87 25.16
C LEU B 133 -19.29 -1.50 25.35
N TRP B 134 -20.60 -1.54 25.61
CA TRP B 134 -21.36 -0.35 25.92
C TRP B 134 -21.09 0.18 27.31
N ILE B 135 -20.64 -0.68 28.24
CA ILE B 135 -20.24 -0.18 29.57
C ILE B 135 -19.14 0.87 29.38
N PHE B 136 -18.18 0.59 28.51
CA PHE B 136 -17.03 1.46 28.41
C PHE B 136 -17.29 2.63 27.49
N VAL B 137 -18.19 2.47 26.53
CA VAL B 137 -18.64 3.63 25.75
C VAL B 137 -19.28 4.61 26.72
N LEU B 138 -20.10 4.11 27.65
CA LEU B 138 -20.75 4.98 28.62
C LEU B 138 -19.72 5.65 29.53
N LEU B 139 -18.83 4.87 30.13
CA LEU B 139 -17.76 5.44 30.96
C LEU B 139 -16.97 6.53 30.21
N ASN B 140 -16.88 6.36 28.90
CA ASN B 140 -16.19 7.32 28.06
C ASN B 140 -17.03 8.56 27.82
N ILE B 141 -18.35 8.42 27.91
CA ILE B 141 -19.27 9.56 27.80
C ILE B 141 -19.28 10.40 29.08
N VAL B 142 -19.01 9.78 30.23
CA VAL B 142 -18.89 10.55 31.48
C VAL B 142 -17.51 11.21 31.56
N GLY B 143 -16.66 10.96 30.57
CA GLY B 143 -15.53 11.85 30.28
C GLY B 143 -14.15 11.24 30.49
N PRO B 144 -13.14 11.75 29.77
CA PRO B 144 -11.75 11.30 29.77
C PRO B 144 -11.05 11.33 31.10
N LYS B 145 -11.42 12.26 31.99
CA LYS B 145 -10.99 12.19 33.40
C LYS B 145 -11.36 10.77 33.92
N MET B 146 -12.59 10.32 33.65
CA MET B 146 -13.10 9.05 34.17
C MET B 146 -12.50 7.75 33.57
N ILE B 147 -12.42 7.64 32.25
CA ILE B 147 -11.88 6.42 31.64
C ILE B 147 -10.38 6.29 31.87
N THR B 148 -9.66 7.41 31.83
CA THR B 148 -8.21 7.36 32.12
C THR B 148 -7.93 6.81 33.54
N ARG B 149 -8.83 7.09 34.47
CA ARG B 149 -8.70 6.58 35.84
C ARG B 149 -9.10 5.11 35.95
N VAL B 150 -10.18 4.74 35.27
CA VAL B 150 -10.58 3.33 35.15
C VAL B 150 -9.46 2.53 34.49
N GLN B 151 -8.83 3.09 33.46
CA GLN B 151 -7.69 2.44 32.81
C GLN B 151 -6.46 2.40 33.73
N ALA B 152 -6.19 3.52 34.37
CA ALA B 152 -5.05 3.59 35.28
C ALA B 152 -5.11 2.50 36.36
N VAL B 153 -6.32 2.25 36.89
CA VAL B 153 -6.49 1.21 37.90
C VAL B 153 -6.43 -0.19 37.24
N ALA B 154 -7.15 -0.34 36.13
CA ALA B 154 -7.10 -1.55 35.30
C ALA B 154 -5.65 -1.94 34.98
N THR B 155 -4.88 -1.00 34.45
CA THR B 155 -3.57 -1.36 34.00
C THR B 155 -2.61 -1.63 35.17
N VAL B 156 -2.77 -0.99 36.32
CA VAL B 156 -1.88 -1.32 37.45
C VAL B 156 -2.30 -2.67 38.04
N LEU B 157 -3.59 -2.97 37.99
CA LEU B 157 -4.07 -4.33 38.28
C LEU B 157 -3.41 -5.35 37.37
N ALA B 158 -3.27 -4.96 36.10
CA ALA B 158 -2.72 -5.83 35.08
C ALA B 158 -1.20 -5.98 35.19
N LEU B 159 -0.55 -5.06 35.91
CA LEU B 159 0.90 -5.10 36.08
C LEU B 159 1.34 -6.02 37.21
N ILE B 160 0.43 -6.33 38.12
CA ILE B 160 0.77 -7.17 39.28
C ILE B 160 1.54 -8.44 38.89
N PRO B 161 0.93 -9.34 38.11
CA PRO B 161 1.72 -10.53 37.73
C PRO B 161 3.00 -10.15 36.97
N ILE B 162 2.88 -9.18 36.05
CA ILE B 162 3.95 -8.82 35.12
C ILE B 162 5.21 -8.27 35.80
N VAL B 163 5.03 -7.62 36.94
CA VAL B 163 6.14 -7.25 37.78
C VAL B 163 6.44 -8.47 38.67
N GLY B 164 5.42 -9.03 39.32
CA GLY B 164 5.59 -10.18 40.21
C GLY B 164 6.67 -11.12 39.74
N ILE B 165 6.55 -11.61 38.50
CA ILE B 165 7.57 -12.45 37.91
C ILE B 165 8.80 -11.64 37.56
N ALA B 166 8.60 -10.59 36.74
CA ALA B 166 9.71 -9.71 36.31
C ALA B 166 10.68 -9.46 37.45
N VAL B 167 10.14 -9.11 38.63
CA VAL B 167 10.96 -8.94 39.84
C VAL B 167 11.20 -10.34 40.48
N PHE B 168 10.20 -10.90 41.16
CA PHE B 168 10.41 -12.09 41.99
C PHE B 168 10.63 -13.40 41.21
N GLY B 169 10.39 -13.36 39.89
CA GLY B 169 10.53 -14.57 39.06
C GLY B 169 11.94 -15.16 39.01
N TRP B 170 12.93 -14.32 39.25
CA TRP B 170 14.33 -14.73 39.18
C TRP B 170 14.65 -15.72 40.26
N PHE B 171 14.03 -15.56 41.42
CA PHE B 171 14.28 -16.46 42.53
C PHE B 171 14.29 -17.95 42.12
N TRP B 172 13.54 -18.30 41.08
CA TRP B 172 13.48 -19.69 40.59
C TRP B 172 14.13 -19.88 39.21
N PHE B 173 14.17 -18.82 38.40
CA PHE B 173 14.87 -18.81 37.10
C PHE B 173 16.21 -19.51 37.18
N ARG B 174 16.60 -20.24 36.14
CA ARG B 174 17.97 -20.72 36.04
C ARG B 174 18.53 -20.63 34.62
N GLY B 175 19.84 -20.87 34.51
CA GLY B 175 20.52 -21.00 33.22
C GLY B 175 20.11 -22.27 32.51
N GLU B 176 20.29 -23.41 33.18
CA GLU B 176 20.04 -24.72 32.56
C GLU B 176 18.77 -24.66 31.64
N THR B 177 17.62 -24.27 32.19
CA THR B 177 16.39 -24.30 31.37
C THR B 177 16.38 -23.20 30.29
N TYR B 178 16.69 -21.95 30.65
CA TYR B 178 16.63 -20.82 29.68
C TYR B 178 17.55 -21.04 28.49
N MET B 179 18.78 -21.47 28.76
CA MET B 179 19.79 -21.54 27.72
C MET B 179 19.59 -22.78 26.85
N ALA B 180 19.26 -23.92 27.47
CA ALA B 180 18.93 -25.16 26.72
C ALA B 180 18.08 -24.84 25.49
N ALA B 181 17.04 -24.03 25.71
CA ALA B 181 16.11 -23.63 24.64
C ALA B 181 16.49 -22.25 24.10
N TRP B 182 17.72 -22.13 23.60
CA TRP B 182 18.24 -20.86 23.10
C TRP B 182 17.73 -20.62 21.70
N ASN B 183 17.82 -21.65 20.85
CA ASN B 183 17.38 -21.54 19.46
C ASN B 183 16.63 -22.79 18.93
N VAL B 184 15.40 -22.95 19.39
CA VAL B 184 14.55 -24.07 18.98
C VAL B 184 14.02 -23.95 17.54
N SER B 185 14.07 -22.77 16.94
CA SER B 185 13.53 -22.53 15.58
C SER B 185 14.18 -23.38 14.49
N GLY B 186 15.47 -23.69 14.69
CA GLY B 186 16.28 -24.36 13.67
C GLY B 186 16.68 -23.47 12.51
N LEU B 187 16.76 -22.16 12.74
CA LEU B 187 17.16 -21.20 11.72
C LEU B 187 18.47 -20.54 12.19
N GLY B 188 19.17 -19.88 11.27
CA GLY B 188 20.40 -19.16 11.63
C GLY B 188 20.11 -18.04 12.62
N THR B 189 21.14 -17.55 13.29
CA THR B 189 20.90 -16.52 14.31
C THR B 189 20.11 -15.33 13.74
N PHE B 190 20.49 -14.86 12.56
CA PHE B 190 19.77 -13.74 11.94
C PHE B 190 18.40 -14.20 11.48
N GLY B 191 18.30 -15.47 11.10
CA GLY B 191 17.01 -16.07 10.78
C GLY B 191 16.08 -15.99 11.96
N ALA B 192 16.53 -16.53 13.08
CA ALA B 192 15.81 -16.45 14.34
C ALA B 192 15.41 -15.00 14.68
N ILE B 193 16.37 -14.10 14.73
CA ILE B 193 16.08 -12.72 15.14
C ILE B 193 14.89 -12.14 14.36
N GLN B 194 14.88 -12.32 13.03
CA GLN B 194 13.75 -11.89 12.20
C GLN B 194 12.45 -12.59 12.63
N SER B 195 12.51 -13.88 12.92
CA SER B 195 11.31 -14.62 13.31
C SER B 195 10.78 -14.22 14.67
N THR B 196 11.55 -13.44 15.44
CA THR B 196 11.04 -12.89 16.71
C THR B 196 10.60 -11.44 16.52
N LEU B 197 11.13 -10.76 15.50
CA LEU B 197 10.71 -9.41 15.16
C LEU B 197 9.30 -9.44 14.61
N ASN B 198 8.93 -10.56 14.00
CA ASN B 198 7.56 -10.76 13.53
C ASN B 198 6.54 -10.52 14.64
N VAL B 199 6.87 -11.00 15.84
CA VAL B 199 6.02 -10.83 17.03
C VAL B 199 6.22 -9.46 17.72
N THR B 200 7.48 -9.19 18.12
CA THR B 200 7.84 -8.10 18.99
C THR B 200 7.67 -6.68 18.39
N LEU B 201 7.87 -6.53 17.09
CA LEU B 201 7.66 -5.21 16.47
C LEU B 201 6.20 -4.70 16.59
N TRP B 202 5.24 -5.62 16.67
CA TRP B 202 3.87 -5.22 16.87
C TRP B 202 3.56 -4.98 18.33
N SER B 203 4.56 -5.07 19.18
CA SER B 203 4.30 -4.98 20.61
C SER B 203 4.12 -3.55 21.07
N PHE B 204 4.63 -2.58 20.28
CA PHE B 204 4.62 -1.19 20.69
C PHE B 204 3.64 -0.30 19.91
N ILE B 205 2.78 -0.88 19.08
CA ILE B 205 1.62 -0.12 18.64
C ILE B 205 0.99 0.46 19.89
N GLY B 206 0.76 1.77 19.92
CA GLY B 206 0.23 2.47 21.11
C GLY B 206 1.00 3.73 21.53
N VAL B 207 2.28 3.78 21.18
CA VAL B 207 3.13 4.98 21.41
C VAL B 207 2.47 6.31 21.04
N GLU B 208 1.58 6.31 20.05
CA GLU B 208 0.83 7.51 19.67
C GLU B 208 -0.20 8.00 20.71
N SER B 209 -0.64 7.12 21.60
CA SER B 209 -1.80 7.40 22.44
C SER B 209 -1.82 8.79 23.01
N ALA B 210 -0.75 9.19 23.68
CA ALA B 210 -0.74 10.48 24.38
C ALA B 210 -0.93 11.67 23.42
N SER B 211 -0.14 11.64 22.34
CA SER B 211 -0.09 12.72 21.37
C SER B 211 -1.39 12.84 20.63
N VAL B 212 -2.12 11.73 20.56
CA VAL B 212 -3.44 11.74 19.98
C VAL B 212 -4.42 12.36 20.95
N ALA B 213 -4.26 12.06 22.24
CA ALA B 213 -5.12 12.63 23.28
C ALA B 213 -4.65 14.01 23.80
N ALA B 214 -3.89 14.76 22.99
CA ALA B 214 -3.32 16.03 23.46
C ALA B 214 -4.42 16.97 23.89
N GLY B 215 -5.53 16.94 23.16
CA GLY B 215 -6.65 17.86 23.37
C GLY B 215 -7.30 17.69 24.72
N VAL B 216 -6.92 16.65 25.43
CA VAL B 216 -7.53 16.29 26.69
C VAL B 216 -6.53 16.06 27.83
N VAL B 217 -5.23 16.17 27.54
CA VAL B 217 -4.20 16.07 28.58
C VAL B 217 -3.95 17.46 29.17
N LYS B 218 -3.69 17.51 30.47
CA LYS B 218 -3.65 18.78 31.21
C LYS B 218 -2.62 19.75 30.65
N ASN B 219 -1.33 19.44 30.79
CA ASN B 219 -0.30 20.38 30.32
C ASN B 219 0.44 19.80 29.14
N PRO B 220 -0.18 19.86 27.96
CA PRO B 220 0.24 19.00 26.85
C PRO B 220 1.75 19.02 26.60
N LYS B 221 2.34 20.20 26.50
CA LYS B 221 3.77 20.34 26.16
C LYS B 221 4.71 19.61 27.13
N ARG B 222 4.43 19.66 28.42
CA ARG B 222 5.25 18.91 29.39
C ARG B 222 4.84 17.44 29.38
N ASN B 223 3.55 17.17 29.48
CA ASN B 223 3.09 15.83 29.81
C ASN B 223 3.13 14.83 28.64
N VAL B 224 2.70 15.24 27.46
CA VAL B 224 2.59 14.30 26.35
C VAL B 224 3.94 13.65 26.05
N PRO B 225 5.02 14.41 26.12
CA PRO B 225 6.35 13.82 25.93
C PRO B 225 6.79 12.88 27.04
N ILE B 226 6.53 13.27 28.27
CA ILE B 226 6.81 12.43 29.42
C ILE B 226 5.98 11.16 29.34
N ALA B 227 4.66 11.30 29.17
CA ALA B 227 3.75 10.12 29.05
C ALA B 227 4.10 9.21 27.89
N THR B 228 4.45 9.83 26.76
CA THR B 228 4.93 9.11 25.60
C THR B 228 6.16 8.28 25.89
N ILE B 229 7.28 8.91 26.29
CA ILE B 229 8.52 8.14 26.52
C ILE B 229 8.37 7.23 27.71
N GLY B 230 7.77 7.75 28.78
CA GLY B 230 7.65 7.02 30.02
C GLY B 230 6.89 5.73 29.79
N GLY B 231 5.72 5.87 29.19
CA GLY B 231 4.88 4.73 28.83
C GLY B 231 5.65 3.62 28.15
N VAL B 232 6.36 3.97 27.08
CA VAL B 232 7.17 3.00 26.33
C VAL B 232 8.27 2.42 27.22
N LEU B 233 8.86 3.21 28.11
CA LEU B 233 9.87 2.66 29.00
C LEU B 233 9.27 1.62 29.96
N ILE B 234 8.07 1.86 30.49
CA ILE B 234 7.43 0.85 31.35
C ILE B 234 7.23 -0.46 30.57
N ALA B 235 6.76 -0.34 29.34
CA ALA B 235 6.42 -1.50 28.53
C ALA B 235 7.65 -2.33 28.24
N ALA B 236 8.71 -1.67 27.79
CA ALA B 236 10.01 -2.32 27.51
C ALA B 236 10.50 -3.12 28.72
N VAL B 237 10.55 -2.45 29.87
CA VAL B 237 11.04 -3.09 31.09
C VAL B 237 10.29 -4.40 31.29
N CYS B 238 8.96 -4.31 31.28
CA CYS B 238 8.12 -5.49 31.53
C CYS B 238 8.38 -6.63 30.56
N TYR B 239 8.21 -6.31 29.29
CA TYR B 239 8.43 -7.26 28.22
C TYR B 239 9.70 -8.02 28.45
N VAL B 240 10.81 -7.29 28.61
CA VAL B 240 12.11 -7.94 28.63
C VAL B 240 12.23 -8.78 29.88
N LEU B 241 12.06 -8.13 31.02
CA LEU B 241 12.23 -8.79 32.31
C LEU B 241 11.27 -9.97 32.52
N SER B 242 10.05 -9.85 32.03
CA SER B 242 9.05 -10.86 32.33
C SER B 242 9.19 -12.11 31.45
N THR B 243 9.44 -11.92 30.15
CA THR B 243 9.49 -13.06 29.24
C THR B 243 10.83 -13.76 29.25
N THR B 244 11.92 -13.06 29.53
CA THR B 244 13.17 -13.77 29.81
C THR B 244 13.03 -14.55 31.14
N ALA B 245 12.31 -13.96 32.11
CA ALA B 245 12.10 -14.60 33.41
C ALA B 245 11.31 -15.91 33.28
N ILE B 246 10.24 -15.89 32.50
CA ILE B 246 9.42 -17.09 32.25
C ILE B 246 10.15 -18.19 31.48
N MET B 247 11.11 -17.83 30.64
CA MET B 247 11.79 -18.81 29.82
C MET B 247 12.86 -19.56 30.57
N GLY B 248 13.16 -19.12 31.80
CA GLY B 248 14.03 -19.87 32.69
C GLY B 248 13.25 -20.54 33.82
N MET B 249 11.93 -20.35 33.81
CA MET B 249 11.06 -20.91 34.84
C MET B 249 10.33 -22.14 34.32
N ILE B 250 9.77 -22.04 33.12
CA ILE B 250 9.06 -23.16 32.50
C ILE B 250 9.89 -23.67 31.34
N PRO B 251 10.01 -25.00 31.19
CA PRO B 251 10.68 -25.54 30.00
C PRO B 251 10.03 -25.16 28.65
N ASN B 252 10.86 -25.00 27.63
CA ASN B 252 10.38 -24.56 26.31
C ASN B 252 9.21 -25.39 25.80
N ALA B 253 9.39 -26.71 25.82
CA ALA B 253 8.40 -27.70 25.40
C ALA B 253 6.98 -27.33 25.89
N ALA B 254 6.83 -27.25 27.21
CA ALA B 254 5.57 -26.90 27.86
C ALA B 254 5.11 -25.53 27.46
N LEU B 255 6.05 -24.60 27.52
CA LEU B 255 5.78 -23.17 27.38
C LEU B 255 5.17 -22.78 26.02
N ARG B 256 5.72 -23.32 24.94
CA ARG B 256 5.28 -22.94 23.60
C ARG B 256 3.85 -23.41 23.29
N VAL B 257 3.39 -24.49 23.93
CA VAL B 257 2.01 -24.96 23.80
C VAL B 257 1.08 -24.40 24.89
N SER B 258 1.57 -23.45 25.69
CA SER B 258 0.77 -22.89 26.79
C SER B 258 -0.29 -21.87 26.34
N ALA B 259 -1.51 -22.02 26.84
CA ALA B 259 -2.60 -21.08 26.57
C ALA B 259 -2.41 -19.79 27.39
N SER B 260 -2.01 -19.92 28.66
CA SER B 260 -1.66 -18.78 29.51
C SER B 260 -0.36 -18.99 30.30
N PRO B 261 0.79 -18.57 29.73
CA PRO B 261 2.11 -18.83 30.33
C PRO B 261 2.32 -18.19 31.69
N PHE B 262 1.66 -17.07 31.92
CA PHE B 262 1.69 -16.42 33.22
C PHE B 262 0.85 -17.20 34.21
N GLY B 263 -0.25 -17.78 33.74
CA GLY B 263 -1.09 -18.68 34.55
C GLY B 263 -0.30 -19.88 35.05
N ASP B 264 0.56 -20.40 34.18
CA ASP B 264 1.45 -21.51 34.52
C ASP B 264 2.66 -21.06 35.35
N ALA B 265 3.25 -19.93 34.98
CA ALA B 265 4.24 -19.28 35.84
C ALA B 265 3.75 -19.23 37.31
N ALA B 266 2.43 -19.08 37.49
CA ALA B 266 1.76 -19.11 38.80
C ALA B 266 1.67 -20.50 39.45
N ARG B 267 1.04 -21.48 38.79
CA ARG B 267 0.67 -22.77 39.44
C ARG B 267 1.80 -23.51 40.13
N MET B 268 3.04 -23.14 39.85
CA MET B 268 4.19 -23.57 40.67
C MET B 268 4.51 -22.48 41.72
N ALA B 269 4.59 -21.22 41.25
CA ALA B 269 5.04 -20.06 42.05
C ALA B 269 4.24 -19.88 43.35
N LEU B 270 3.00 -19.42 43.25
CA LEU B 270 2.07 -19.35 44.39
C LEU B 270 0.96 -20.42 44.31
N GLY B 271 0.95 -21.20 43.23
CA GLY B 271 0.11 -22.40 43.13
C GLY B 271 -1.40 -22.19 43.18
N ASP B 272 -2.09 -23.26 43.63
CA ASP B 272 -3.55 -23.30 43.83
C ASP B 272 -4.31 -22.42 42.81
N THR B 273 -5.31 -21.65 43.25
CA THR B 273 -5.89 -20.62 42.39
C THR B 273 -5.04 -19.35 42.51
N ALA B 274 -3.90 -19.35 41.82
CA ALA B 274 -3.12 -18.14 41.52
C ALA B 274 -3.32 -17.80 40.04
N GLY B 275 -3.68 -18.80 39.26
CA GLY B 275 -4.31 -18.60 37.95
C GLY B 275 -5.50 -17.68 38.02
N ALA B 276 -6.26 -17.76 39.12
CA ALA B 276 -7.34 -16.82 39.40
C ALA B 276 -6.84 -15.40 39.29
N ILE B 277 -5.88 -15.05 40.15
CA ILE B 277 -5.22 -13.74 40.12
C ILE B 277 -4.88 -13.31 38.68
N VAL B 278 -4.08 -14.14 38.00
CA VAL B 278 -3.60 -13.83 36.65
C VAL B 278 -4.72 -13.64 35.63
N SER B 279 -5.72 -14.51 35.64
CA SER B 279 -6.81 -14.36 34.69
C SER B 279 -7.75 -13.20 35.04
N PHE B 280 -7.70 -12.71 36.28
CA PHE B 280 -8.39 -11.47 36.59
C PHE B 280 -7.56 -10.31 36.09
N CYS B 281 -6.32 -10.23 36.55
CA CYS B 281 -5.36 -9.23 36.08
C CYS B 281 -5.24 -9.18 34.56
N ALA B 282 -5.23 -10.33 33.91
CA ALA B 282 -5.21 -10.37 32.45
C ALA B 282 -6.47 -9.71 31.86
N ALA B 283 -7.61 -9.96 32.50
CA ALA B 283 -8.88 -9.46 32.00
C ALA B 283 -8.99 -7.97 32.27
N ALA B 284 -8.49 -7.56 33.44
CA ALA B 284 -8.43 -6.15 33.79
C ALA B 284 -7.60 -5.37 32.77
N GLY B 285 -6.45 -5.93 32.38
CA GLY B 285 -5.57 -5.32 31.38
C GLY B 285 -6.28 -4.92 30.11
N CYS B 286 -6.95 -5.88 29.48
CA CYS B 286 -7.64 -5.68 28.18
C CYS B 286 -8.80 -4.71 28.31
N LEU B 287 -9.68 -4.99 29.25
CA LEU B 287 -10.83 -4.15 29.43
C LEU B 287 -10.41 -2.68 29.66
N GLY B 288 -9.28 -2.46 30.34
CA GLY B 288 -8.73 -1.12 30.52
C GLY B 288 -8.33 -0.56 29.17
N SER B 289 -7.38 -1.25 28.54
CA SER B 289 -6.99 -0.99 27.13
C SER B 289 -8.20 -0.76 26.16
N LEU B 290 -9.22 -1.59 26.27
CA LEU B 290 -10.46 -1.42 25.53
C LEU B 290 -10.90 0.01 25.57
N GLY B 291 -11.10 0.53 26.78
CA GLY B 291 -11.68 1.84 26.95
C GLY B 291 -10.76 2.91 26.44
N GLY B 292 -9.45 2.67 26.60
CA GLY B 292 -8.42 3.60 26.13
C GLY B 292 -8.37 3.78 24.63
N TRP B 293 -8.60 2.70 23.89
CA TRP B 293 -8.72 2.79 22.45
C TRP B 293 -10.00 3.53 22.07
N THR B 294 -11.11 3.17 22.67
CA THR B 294 -12.33 3.74 22.21
C THR B 294 -12.22 5.25 22.46
N LEU B 295 -11.46 5.64 23.49
CA LEU B 295 -11.17 7.05 23.74
C LEU B 295 -10.53 7.66 22.50
N LEU B 296 -9.38 7.10 22.12
CA LEU B 296 -8.56 7.63 21.04
C LEU B 296 -9.36 7.70 19.74
N ALA B 297 -10.16 6.67 19.49
CA ALA B 297 -11.17 6.69 18.41
C ALA B 297 -11.95 7.97 18.51
N GLY B 298 -12.43 8.25 19.70
CA GLY B 298 -13.21 9.47 19.91
C GLY B 298 -12.52 10.75 19.47
N GLN B 299 -11.21 10.80 19.70
CA GLN B 299 -10.43 12.01 19.51
C GLN B 299 -10.04 12.26 18.08
N THR B 300 -9.48 11.27 17.39
CA THR B 300 -9.16 11.50 15.97
C THR B 300 -10.41 12.02 15.27
N ALA B 301 -11.49 11.25 15.26
CA ALA B 301 -12.67 11.72 14.57
C ALA B 301 -12.99 13.16 14.96
N LYS B 302 -12.93 13.46 16.26
CA LYS B 302 -13.17 14.83 16.72
C LYS B 302 -12.31 15.80 15.93
N ALA B 303 -10.99 15.65 16.05
CA ALA B 303 -10.04 16.58 15.42
C ALA B 303 -10.33 16.75 13.94
N ALA B 304 -10.45 15.64 13.24
CA ALA B 304 -10.68 15.66 11.81
C ALA B 304 -12.02 16.28 11.49
N ALA B 305 -13.04 15.90 12.24
CA ALA B 305 -14.36 16.48 12.05
C ALA B 305 -14.30 18.00 12.16
N ASP B 306 -13.45 18.47 13.07
CA ASP B 306 -13.32 19.90 13.35
C ASP B 306 -12.66 20.68 12.20
N ASP B 307 -11.83 20.03 11.37
CA ASP B 307 -11.22 20.68 10.22
C ASP B 307 -11.94 20.35 8.91
N GLY B 308 -13.20 19.96 8.98
CA GLY B 308 -13.98 19.59 7.79
C GLY B 308 -13.57 18.27 7.14
N LEU B 309 -12.55 17.60 7.68
CA LEU B 309 -12.01 16.40 7.07
C LEU B 309 -12.64 15.09 7.57
N PHE B 310 -13.69 15.17 8.37
CA PHE B 310 -14.47 13.99 8.75
C PHE B 310 -15.87 14.50 9.04
N PRO B 311 -16.90 13.64 8.97
CA PRO B 311 -18.27 14.19 9.08
C PRO B 311 -18.49 15.07 10.32
N PRO B 312 -19.31 16.13 10.19
CA PRO B 312 -19.56 17.04 11.29
C PRO B 312 -20.00 16.40 12.61
N ILE B 313 -20.77 15.30 12.53
CA ILE B 313 -21.32 14.67 13.72
C ILE B 313 -20.25 14.23 14.72
N PHE B 314 -19.08 13.84 14.20
CA PHE B 314 -17.95 13.50 15.05
C PHE B 314 -17.29 14.72 15.74
N ALA B 315 -17.66 15.93 15.34
CA ALA B 315 -17.13 17.16 15.96
C ALA B 315 -18.06 17.69 17.07
N ARG B 316 -19.26 17.12 17.15
CA ARG B 316 -20.33 17.57 18.04
C ARG B 316 -20.01 17.16 19.46
N VAL B 317 -20.00 18.10 20.39
CA VAL B 317 -19.65 17.77 21.75
C VAL B 317 -20.70 18.22 22.74
N ASN B 318 -20.71 17.56 23.89
CA ASN B 318 -21.49 17.99 25.02
C ASN B 318 -20.76 19.14 25.66
N LYS B 319 -21.24 19.61 26.81
CA LYS B 319 -20.71 20.82 27.43
C LYS B 319 -19.30 20.65 28.00
N ALA B 320 -18.97 19.44 28.44
CA ALA B 320 -17.61 19.10 28.87
C ALA B 320 -16.64 19.07 27.69
N GLY B 321 -17.17 19.00 26.47
CA GLY B 321 -16.36 18.99 25.26
C GLY B 321 -16.06 17.62 24.72
N THR B 322 -16.69 16.58 25.25
CA THR B 322 -16.42 15.22 24.77
C THR B 322 -17.45 14.81 23.70
N PRO B 323 -17.01 14.07 22.67
CA PRO B 323 -17.79 13.86 21.45
C PRO B 323 -18.79 12.73 21.59
N VAL B 324 -19.94 13.02 22.17
CA VAL B 324 -20.84 11.97 22.58
C VAL B 324 -21.39 11.23 21.36
N ALA B 325 -21.98 11.97 20.44
CA ALA B 325 -22.55 11.36 19.25
C ALA B 325 -21.48 10.60 18.50
N GLY B 326 -20.26 11.14 18.51
CA GLY B 326 -19.12 10.47 17.92
C GLY B 326 -18.90 9.08 18.49
N LEU B 327 -18.92 8.96 19.81
CA LEU B 327 -18.65 7.70 20.49
C LEU B 327 -19.76 6.67 20.33
N ILE B 328 -21.00 7.15 20.33
CA ILE B 328 -22.17 6.29 20.11
C ILE B 328 -22.13 5.62 18.73
N ILE B 329 -21.56 6.29 17.73
CA ILE B 329 -21.31 5.62 16.45
C ILE B 329 -20.27 4.50 16.62
N VAL B 330 -19.09 4.82 17.17
CA VAL B 330 -18.12 3.76 17.43
C VAL B 330 -18.83 2.65 18.19
N GLY B 331 -19.62 3.00 19.19
CA GLY B 331 -20.34 1.98 19.94
C GLY B 331 -21.26 1.12 19.10
N ILE B 332 -22.03 1.76 18.21
CA ILE B 332 -22.94 1.03 17.31
C ILE B 332 -22.17 0.09 16.41
N LEU B 333 -21.13 0.63 15.78
CA LEU B 333 -20.33 -0.13 14.84
C LEU B 333 -19.81 -1.40 15.49
N MET B 334 -19.20 -1.25 16.64
CA MET B 334 -18.65 -2.38 17.31
C MET B 334 -19.75 -3.38 17.59
N THR B 335 -20.96 -2.92 17.91
CA THR B 335 -22.08 -3.83 18.12
C THR B 335 -22.48 -4.55 16.82
N ILE B 336 -22.43 -3.85 15.69
CA ILE B 336 -22.73 -4.48 14.39
C ILE B 336 -21.69 -5.54 14.01
N PHE B 337 -20.40 -5.17 14.04
CA PHE B 337 -19.30 -6.06 13.60
C PHE B 337 -18.84 -6.98 14.72
N GLN B 338 -19.81 -7.68 15.29
CA GLN B 338 -19.65 -8.43 16.52
C GLN B 338 -20.80 -9.45 16.56
N LEU B 339 -22.00 -8.97 16.27
CA LEU B 339 -23.13 -9.82 15.95
C LEU B 339 -22.88 -10.46 14.59
N SER B 340 -22.35 -9.69 13.64
CA SER B 340 -21.98 -10.23 12.34
C SER B 340 -21.20 -11.53 12.56
N SER B 341 -20.22 -11.44 13.47
CA SER B 341 -19.32 -12.53 13.82
C SER B 341 -19.77 -13.29 15.06
N ILE B 342 -20.84 -14.06 14.93
CA ILE B 342 -21.12 -15.13 15.86
C ILE B 342 -20.28 -16.27 15.27
N SER B 343 -19.44 -16.92 16.08
CA SER B 343 -18.60 -18.07 15.62
C SER B 343 -19.18 -18.75 14.35
N PRO B 344 -18.40 -18.75 13.22
CA PRO B 344 -18.85 -18.79 11.81
C PRO B 344 -20.29 -18.30 11.45
N ASN B 345 -21.30 -19.20 11.42
CA ASN B 345 -22.73 -18.83 11.21
C ASN B 345 -23.06 -18.13 9.86
N ALA B 346 -22.72 -16.84 9.73
CA ALA B 346 -22.88 -16.11 8.48
C ALA B 346 -21.87 -16.60 7.42
N THR B 347 -20.57 -16.50 7.72
CA THR B 347 -19.51 -17.13 6.88
C THR B 347 -18.29 -17.65 7.70
N LYS B 348 -17.17 -16.89 7.73
CA LYS B 348 -15.84 -17.40 8.21
C LYS B 348 -15.22 -16.46 9.27
N GLU B 349 -13.89 -16.56 9.49
CA GLU B 349 -13.25 -15.87 10.64
C GLU B 349 -11.70 -15.70 10.59
N PHE B 350 -11.13 -14.51 10.34
CA PHE B 350 -11.69 -13.11 10.36
C PHE B 350 -10.63 -12.25 11.10
N GLY B 351 -9.76 -12.90 11.89
CA GLY B 351 -8.57 -12.26 12.52
C GLY B 351 -7.60 -11.65 11.51
N LEU B 352 -7.91 -11.88 10.24
CA LEU B 352 -7.43 -11.10 9.11
C LEU B 352 -7.80 -9.65 9.32
N VAL B 353 -9.10 -9.38 9.32
CA VAL B 353 -9.64 -8.00 9.32
C VAL B 353 -9.35 -7.24 10.63
N SER B 354 -8.67 -7.91 11.57
CA SER B 354 -8.01 -7.23 12.69
C SER B 354 -6.57 -7.04 12.37
N SER B 355 -5.99 -7.96 11.60
CA SER B 355 -4.58 -7.84 11.22
C SER B 355 -4.37 -6.64 10.31
N VAL B 356 -5.18 -6.50 9.27
CA VAL B 356 -5.09 -5.29 8.43
C VAL B 356 -5.19 -4.02 9.28
N SER B 357 -6.02 -4.04 10.31
CA SER B 357 -6.11 -2.90 11.18
C SER B 357 -4.73 -2.51 11.73
N VAL B 358 -3.87 -3.49 12.00
CA VAL B 358 -2.58 -3.23 12.64
C VAL B 358 -1.56 -2.60 11.73
N ILE B 359 -1.68 -2.83 10.43
CA ILE B 359 -0.86 -2.12 9.46
C ILE B 359 -1.39 -0.67 9.28
N PHE B 360 -2.70 -0.48 9.29
CA PHE B 360 -3.27 0.89 9.29
C PHE B 360 -2.59 1.86 10.28
N THR B 361 -2.03 1.32 11.36
CA THR B 361 -1.45 2.17 12.41
C THR B 361 -0.02 2.56 12.06
N LEU B 362 0.61 1.76 11.21
CA LEU B 362 2.01 2.00 10.87
C LEU B 362 2.14 3.09 9.86
N VAL B 363 1.04 3.38 9.16
CA VAL B 363 1.04 4.44 8.18
C VAL B 363 1.17 5.83 8.84
N PRO B 364 0.38 6.10 9.87
CA PRO B 364 0.55 7.29 10.67
C PRO B 364 1.91 7.47 11.31
N TYR B 365 2.47 6.38 11.80
CA TYR B 365 3.82 6.42 12.34
C TYR B 365 4.80 6.95 11.30
N LEU B 366 4.65 6.47 10.09
CA LEU B 366 5.52 6.87 9.02
C LEU B 366 5.35 8.36 8.72
N TYR B 367 4.11 8.82 8.48
CA TYR B 367 3.87 10.25 8.15
C TYR B 367 4.24 11.18 9.27
N THR B 368 4.27 10.67 10.51
CA THR B 368 4.73 11.46 11.64
C THR B 368 6.24 11.66 11.64
N CYS B 369 7.01 10.61 11.40
CA CYS B 369 8.46 10.82 11.34
C CYS B 369 8.77 11.73 10.16
N ALA B 370 7.99 11.66 9.09
CA ALA B 370 8.17 12.61 7.99
C ALA B 370 7.89 14.01 8.53
N ALA B 371 6.70 14.18 9.10
CA ALA B 371 6.26 15.48 9.68
C ALA B 371 7.28 16.10 10.66
N LEU B 372 7.96 15.28 11.46
CA LEU B 372 8.96 15.82 12.39
C LEU B 372 10.00 16.61 11.61
N LEU B 373 10.57 15.99 10.57
CA LEU B 373 11.65 16.62 9.78
C LEU B 373 11.14 17.76 8.95
N LEU B 374 10.00 17.56 8.29
CA LEU B 374 9.44 18.54 7.35
C LEU B 374 8.91 19.83 8.01
N LEU B 375 8.30 19.69 9.17
CA LEU B 375 7.89 20.83 10.00
C LEU B 375 8.97 21.31 10.99
N GLY B 376 9.64 20.35 11.60
CA GLY B 376 10.46 20.65 12.78
C GLY B 376 11.88 21.10 12.54
N HIS B 377 12.38 21.00 11.32
CA HIS B 377 13.79 21.31 11.02
C HIS B 377 14.24 22.63 11.62
N GLY B 378 13.34 23.61 11.64
CA GLY B 378 13.60 24.93 12.25
C GLY B 378 14.07 24.84 13.70
N HIS B 379 13.42 23.97 14.48
CA HIS B 379 13.64 23.92 15.91
C HIS B 379 14.69 22.90 16.36
N PHE B 380 15.53 22.39 15.45
CA PHE B 380 16.49 21.33 15.83
C PHE B 380 17.81 21.84 16.33
N GLY B 381 18.06 23.13 16.12
CA GLY B 381 19.31 23.73 16.53
C GLY B 381 20.48 22.92 16.03
N LYS B 382 21.45 22.68 16.91
CA LYS B 382 22.70 22.02 16.56
C LYS B 382 22.61 20.51 16.81
N ALA B 383 21.43 20.03 17.18
CA ALA B 383 21.20 18.60 17.33
C ALA B 383 20.63 17.97 16.03
N ARG B 384 20.81 18.65 14.89
CA ARG B 384 20.36 18.13 13.59
C ARG B 384 20.71 16.65 13.38
N PRO B 385 22.01 16.29 13.46
CA PRO B 385 22.33 14.87 13.26
C PRO B 385 21.60 13.91 14.18
N ALA B 386 21.36 14.30 15.44
CA ALA B 386 20.65 13.46 16.39
C ALA B 386 19.27 13.16 15.88
N TYR B 387 18.54 14.20 15.47
CA TYR B 387 17.15 14.01 15.04
C TYR B 387 17.00 13.27 13.71
N LEU B 388 18.02 13.35 12.87
CA LEU B 388 18.04 12.54 11.64
C LEU B 388 18.26 11.06 11.97
N ALA B 389 19.23 10.77 12.83
CA ALA B 389 19.53 9.39 13.18
C ALA B 389 18.28 8.74 13.74
N VAL B 390 17.75 9.37 14.78
CA VAL B 390 16.58 8.88 15.50
C VAL B 390 15.40 8.57 14.56
N THR B 391 14.98 9.54 13.76
CA THR B 391 13.79 9.34 12.93
C THR B 391 14.03 8.29 11.84
N THR B 392 15.23 8.21 11.27
CA THR B 392 15.52 7.12 10.31
C THR B 392 15.38 5.77 11.00
N ILE B 393 15.75 5.66 12.27
CA ILE B 393 15.46 4.44 13.04
C ILE B 393 13.95 4.19 13.07
N ALA B 394 13.20 5.20 13.46
CA ALA B 394 11.73 5.12 13.43
C ALA B 394 11.18 4.65 12.07
N PHE B 395 11.82 5.12 11.00
CA PHE B 395 11.50 4.67 9.65
C PHE B 395 11.82 3.19 9.50
N LEU B 396 13.07 2.80 9.73
CA LEU B 396 13.42 1.37 9.65
C LEU B 396 12.43 0.51 10.44
N TYR B 397 12.07 0.97 11.63
CA TYR B 397 11.12 0.27 12.48
C TYR B 397 9.74 0.07 11.82
N CYS B 398 9.17 1.10 11.19
CA CYS B 398 7.89 0.95 10.48
C CYS B 398 7.96 0.08 9.21
N ILE B 399 9.00 0.25 8.44
CA ILE B 399 9.18 -0.55 7.24
C ILE B 399 9.47 -1.99 7.63
N TRP B 400 10.35 -2.19 8.60
CA TRP B 400 10.76 -3.54 8.92
C TRP B 400 9.65 -4.38 9.55
N ALA B 401 8.72 -3.70 10.23
CA ALA B 401 7.39 -4.28 10.55
C ALA B 401 6.65 -4.83 9.33
N VAL B 402 6.48 -4.01 8.31
CA VAL B 402 5.70 -4.42 7.15
C VAL B 402 6.47 -5.41 6.32
N VAL B 403 7.79 -5.27 6.26
CA VAL B 403 8.57 -6.27 5.54
C VAL B 403 8.16 -7.70 6.01
N GLY B 404 7.93 -7.91 7.31
CA GLY B 404 7.57 -9.23 7.86
C GLY B 404 6.14 -9.39 8.37
N SER B 405 5.18 -8.68 7.79
CA SER B 405 3.77 -9.04 7.93
C SER B 405 3.48 -10.13 6.95
N GLY B 406 2.27 -10.67 7.03
CA GLY B 406 1.74 -11.50 5.96
C GLY B 406 1.41 -10.60 4.78
N ALA B 407 1.61 -11.13 3.57
CA ALA B 407 1.22 -10.42 2.33
C ALA B 407 -0.27 -10.06 2.35
N LYS B 408 -1.10 -11.06 2.59
CA LYS B 408 -2.55 -10.89 2.49
C LYS B 408 -3.08 -9.63 3.15
N GLU B 409 -2.53 -9.30 4.33
CA GLU B 409 -3.04 -8.17 5.07
C GLU B 409 -2.40 -6.87 4.60
N VAL B 410 -1.23 -6.95 3.97
CA VAL B 410 -0.67 -5.71 3.40
C VAL B 410 -1.44 -5.43 2.14
N MET B 411 -1.63 -6.43 1.29
CA MET B 411 -2.48 -6.25 0.12
C MET B 411 -3.74 -5.50 0.48
N TRP B 412 -4.43 -5.98 1.52
CA TRP B 412 -5.71 -5.38 1.84
C TRP B 412 -5.58 -4.00 2.43
N SER B 413 -4.53 -3.76 3.20
CA SER B 413 -4.25 -2.42 3.70
C SER B 413 -4.19 -1.46 2.53
N PHE B 414 -3.44 -1.91 1.53
CA PHE B 414 -3.16 -1.15 0.32
C PHE B 414 -4.44 -0.87 -0.49
N VAL B 415 -5.28 -1.90 -0.61
CA VAL B 415 -6.56 -1.74 -1.29
C VAL B 415 -7.43 -0.73 -0.56
N THR B 416 -7.40 -0.72 0.77
CA THR B 416 -8.29 0.20 1.48
C THR B 416 -7.73 1.62 1.35
N LEU B 417 -6.41 1.72 1.17
CA LEU B 417 -5.74 2.98 0.89
C LEU B 417 -6.22 3.55 -0.42
N MET B 418 -6.42 2.70 -1.42
CA MET B 418 -6.93 3.17 -2.71
C MET B 418 -8.36 3.66 -2.61
N VAL B 419 -9.18 2.96 -1.84
CA VAL B 419 -10.60 3.30 -1.67
C VAL B 419 -10.78 4.55 -0.83
N ILE B 420 -9.78 4.83 0.00
CA ILE B 420 -9.82 6.02 0.84
C ILE B 420 -9.60 7.23 -0.04
N THR B 421 -8.66 7.08 -0.99
CA THR B 421 -8.35 8.21 -1.89
C THR B 421 -9.36 8.33 -3.04
N ALA B 422 -10.28 7.40 -3.15
CA ALA B 422 -11.35 7.51 -4.10
C ALA B 422 -12.50 8.31 -3.47
N MET B 423 -12.66 8.19 -2.15
CA MET B 423 -13.72 8.89 -1.41
C MET B 423 -13.40 10.36 -1.22
N TYR B 424 -12.14 10.66 -0.95
CA TYR B 424 -11.72 12.03 -0.82
C TYR B 424 -12.11 12.77 -2.10
N ALA B 425 -11.62 12.24 -3.22
CA ALA B 425 -11.92 12.80 -4.53
C ALA B 425 -13.44 12.98 -4.76
N LEU B 426 -14.22 11.99 -4.37
CA LEU B 426 -15.63 12.02 -4.64
C LEU B 426 -16.35 12.93 -3.66
N ASN B 427 -15.88 13.01 -2.42
CA ASN B 427 -16.57 13.79 -1.38
C ASN B 427 -16.06 15.20 -1.18
N TYR B 428 -14.91 15.54 -1.75
CA TYR B 428 -14.30 16.82 -1.43
C TYR B 428 -14.05 17.70 -2.64
N ASN B 429 -14.32 17.18 -3.84
CA ASN B 429 -14.19 18.00 -5.02
C ASN B 429 -15.16 19.18 -4.89
N ARG B 430 -14.65 20.37 -5.19
CA ARG B 430 -15.33 21.67 -4.94
C ARG B 430 -14.77 22.36 -3.68
N LEU B 431 -14.77 21.63 -2.56
CA LEU B 431 -14.21 22.16 -1.33
C LEU B 431 -12.68 22.09 -1.38
N HIS B 432 -12.12 21.27 -2.26
CA HIS B 432 -10.69 21.06 -2.25
C HIS B 432 -9.91 22.27 -2.73
N LYS B 433 -8.71 22.40 -2.19
CA LYS B 433 -7.85 23.58 -2.34
C LYS B 433 -6.47 23.18 -2.93
N ASN B 434 -6.28 23.51 -4.20
CA ASN B 434 -5.19 22.96 -4.97
C ASN B 434 -3.98 23.82 -4.92
N PRO B 435 -2.82 23.25 -4.56
CA PRO B 435 -1.60 24.04 -4.58
C PRO B 435 -1.33 24.79 -5.90
N TYR B 436 -1.85 24.33 -7.03
CA TYR B 436 -1.58 24.97 -8.33
C TYR B 436 -2.79 24.82 -9.20
N PRO B 437 -3.83 25.62 -8.97
CA PRO B 437 -5.06 25.41 -9.72
C PRO B 437 -4.95 25.73 -11.20
N LEU B 438 -5.98 25.32 -11.93
CA LEU B 438 -6.20 25.74 -13.31
C LEU B 438 -6.98 27.06 -13.29
N ASP B 439 -6.81 27.88 -14.30
CA ASP B 439 -7.71 29.06 -14.45
C ASP B 439 -9.01 28.62 -15.15
N ALA B 440 -10.12 29.36 -14.93
CA ALA B 440 -11.43 29.02 -15.54
C ALA B 440 -11.68 29.82 -16.79
#